data_6VLO
#
_entry.id   6VLO
#
_cell.length_a   93.883
_cell.length_b   111.083
_cell.length_c   133.385
_cell.angle_alpha   90.000
_cell.angle_beta   90.000
_cell.angle_gamma   90.000
#
_symmetry.space_group_name_H-M   'P 21 21 21'
#
loop_
_entity.id
_entity.type
_entity.pdbx_description
1 polymer 'Putative dTDP-D-glucose 4,6-dehydratase'
2 non-polymer "THYMIDINE-5'-DIPHOSPHATE"
3 non-polymer NICOTINAMIDE-ADENINE-DINUCLEOTIDE
4 non-polymer 'NICKEL (II) ION'
5 water water
#
_entity_poly.entity_id   1
_entity_poly.type   'polypeptide(L)'
_entity_poly.pdbx_seq_one_letter_code
;GGHMKNILVTGGLGFIGSNFVNHISSKYDNVNIYVYDIGDYCASVENVEWNNRTKLIKGDIRNFDLIMHTLTEHEIDTIV
HFAAHSHVDNSFKNSLAFTETNVFGTHVLLECSRMYGKLKLFFHMSTDEVYGEIDTTDTSREVSLLCPTNPYAATKAGAE
HIVKSYFLSYKLPIIIARCNNVYGRNQYPEKLIPKFICSLLDGKKLHIQGTGNSRRNFIHAIDVADAVDLVINNGVIGET
YNIGVTNEHSVLDVAQILCDIAGVNLENQLEYVPDRLFNDFRYNITNDKIKSLGWEQSRKDFKKELVELFDWYKVNRHRY
NIPGSQ
;
_entity_poly.pdbx_strand_id   A,B,C,D
#
# COMPACT_ATOMS: atom_id res chain seq x y z
N GLY A 2 27.73 6.03 -28.30
CA GLY A 2 28.27 4.75 -27.78
C GLY A 2 27.21 3.68 -27.65
N HIS A 3 26.94 3.21 -26.44
CA HIS A 3 26.13 1.98 -26.17
C HIS A 3 24.61 2.25 -26.23
N MET A 4 24.15 3.50 -26.15
CA MET A 4 22.71 3.78 -25.87
C MET A 4 21.89 3.50 -27.14
N LYS A 5 20.95 2.55 -27.08
CA LYS A 5 19.93 2.26 -28.12
C LYS A 5 18.53 2.49 -27.57
N ASN A 6 18.17 1.83 -26.46
CA ASN A 6 16.85 1.95 -25.79
C ASN A 6 17.10 2.38 -24.34
N ILE A 7 16.73 3.61 -24.01
CA ILE A 7 16.98 4.15 -22.65
C ILE A 7 15.63 4.41 -21.96
N LEU A 8 15.59 4.11 -20.66
CA LEU A 8 14.48 4.42 -19.74
C LEU A 8 14.86 5.64 -18.91
N VAL A 9 14.19 6.78 -19.14
CA VAL A 9 14.44 8.03 -18.39
C VAL A 9 13.31 8.18 -17.38
N THR A 10 13.61 7.85 -16.12
CA THR A 10 12.67 8.12 -15.01
C THR A 10 12.66 9.62 -14.77
N GLY A 11 11.48 10.17 -14.45
CA GLY A 11 11.31 11.62 -14.19
C GLY A 11 11.55 12.47 -15.43
N GLY A 12 11.42 11.88 -16.61
CA GLY A 12 11.72 12.55 -17.90
C GLY A 12 10.71 13.61 -18.29
N LEU A 13 9.57 13.76 -17.58
CA LEU A 13 8.65 14.92 -17.78
C LEU A 13 9.01 16.07 -16.85
N GLY A 14 9.93 15.83 -15.90
CA GLY A 14 10.35 16.84 -14.92
C GLY A 14 11.40 17.76 -15.50
N PHE A 15 11.96 18.62 -14.65
CA PHE A 15 12.91 19.68 -15.03
C PHE A 15 14.17 19.09 -15.66
N ILE A 16 14.97 18.36 -14.89
CA ILE A 16 16.30 17.94 -15.39
C ILE A 16 16.07 16.84 -16.42
N GLY A 17 15.12 15.94 -16.18
CA GLY A 17 14.85 14.79 -17.06
C GLY A 17 14.44 15.25 -18.46
N SER A 18 13.55 16.23 -18.56
CA SER A 18 13.07 16.71 -19.88
C SER A 18 14.23 17.35 -20.65
N ASN A 19 15.09 18.11 -19.96
CA ASN A 19 16.28 18.74 -20.57
C ASN A 19 17.20 17.64 -21.09
N PHE A 20 17.35 16.55 -20.33
CA PHE A 20 18.21 15.43 -20.76
C PHE A 20 17.58 14.75 -21.99
N VAL A 21 16.29 14.46 -21.96
CA VAL A 21 15.58 13.81 -23.09
C VAL A 21 15.73 14.65 -24.38
N ASN A 22 15.50 15.95 -24.28
CA ASN A 22 15.58 16.85 -25.44
C ASN A 22 17.02 16.82 -25.98
N HIS A 23 18.02 16.81 -25.09
CA HIS A 23 19.46 16.77 -25.43
C HIS A 23 19.76 15.48 -26.19
N ILE A 24 19.36 14.32 -25.67
CA ILE A 24 19.64 13.01 -26.33
C ILE A 24 18.92 12.96 -27.70
N SER A 25 17.66 13.39 -27.77
CA SER A 25 16.83 13.48 -29.00
C SER A 25 17.56 14.31 -30.06
N SER A 26 18.04 15.47 -29.66
CA SER A 26 18.68 16.47 -30.54
C SER A 26 20.11 16.00 -30.94
N LYS A 27 20.91 15.45 -30.02
CA LYS A 27 22.32 15.10 -30.32
C LYS A 27 22.44 13.75 -31.06
N TYR A 28 21.62 12.76 -30.72
CA TYR A 28 21.63 11.44 -31.40
C TYR A 28 20.37 11.38 -32.25
N ASP A 29 20.33 10.50 -33.24
CA ASP A 29 19.15 10.36 -34.13
C ASP A 29 18.60 8.94 -34.08
N ASN A 30 19.32 8.04 -33.39
CA ASN A 30 19.01 6.59 -33.31
C ASN A 30 19.03 6.15 -31.84
N VAL A 31 18.60 6.99 -30.91
CA VAL A 31 18.32 6.52 -29.53
C VAL A 31 16.82 6.57 -29.30
N ASN A 32 16.20 5.43 -29.00
CA ASN A 32 14.81 5.33 -28.50
C ASN A 32 14.79 5.73 -27.02
N ILE A 33 13.92 6.65 -26.64
CA ILE A 33 13.83 7.14 -25.25
C ILE A 33 12.44 6.82 -24.74
N TYR A 34 12.39 6.05 -23.66
CA TYR A 34 11.15 5.81 -22.90
C TYR A 34 11.15 6.73 -21.69
N VAL A 35 10.32 7.78 -21.74
CA VAL A 35 10.05 8.75 -20.65
C VAL A 35 9.17 8.04 -19.64
N TYR A 36 9.66 7.78 -18.43
CA TYR A 36 8.89 7.02 -17.40
C TYR A 36 8.58 7.99 -16.26
N ASP A 37 7.31 8.32 -16.06
CA ASP A 37 6.96 9.47 -15.19
C ASP A 37 5.54 9.33 -14.64
N ILE A 38 5.37 9.71 -13.39
CA ILE A 38 4.11 9.62 -12.62
C ILE A 38 3.21 10.82 -12.96
N GLY A 39 3.75 11.83 -13.62
CA GLY A 39 3.03 13.06 -14.02
C GLY A 39 2.52 13.86 -12.82
N ASP A 40 3.42 14.19 -11.93
CA ASP A 40 3.05 15.04 -10.77
C ASP A 40 2.93 16.52 -11.20
N TYR A 41 2.47 17.36 -10.30
CA TYR A 41 2.15 18.75 -10.68
C TYR A 41 3.41 19.46 -11.22
N CYS A 42 4.63 19.02 -10.87
CA CYS A 42 5.88 19.69 -11.33
CA CYS A 42 5.91 19.63 -11.30
C CYS A 42 6.31 19.18 -12.71
N ALA A 43 5.62 18.15 -13.24
CA ALA A 43 5.91 17.53 -14.54
C ALA A 43 5.11 18.26 -15.62
N SER A 44 5.55 18.18 -16.88
CA SER A 44 4.75 18.63 -18.04
C SER A 44 5.14 17.86 -19.30
N VAL A 45 4.16 17.30 -19.98
CA VAL A 45 4.32 16.73 -21.35
C VAL A 45 4.85 17.81 -22.30
N GLU A 46 4.54 19.07 -22.04
CA GLU A 46 5.03 20.20 -22.87
C GLU A 46 6.53 20.43 -22.68
N ASN A 47 7.14 19.86 -21.66
CA ASN A 47 8.61 19.99 -21.43
C ASN A 47 9.40 19.22 -22.49
N VAL A 48 8.84 18.16 -23.05
CA VAL A 48 9.53 17.19 -23.95
C VAL A 48 9.21 17.54 -25.40
N GLU A 49 10.22 17.52 -26.26
CA GLU A 49 10.05 17.65 -27.74
C GLU A 49 9.73 16.25 -28.29
N TRP A 50 8.45 15.93 -28.48
CA TRP A 50 8.03 14.56 -28.85
C TRP A 50 8.44 14.30 -30.30
N ASN A 51 8.86 13.06 -30.53
CA ASN A 51 9.27 12.58 -31.86
C ASN A 51 9.02 11.09 -31.88
N ASN A 52 9.44 10.49 -32.98
CA ASN A 52 9.33 9.05 -33.31
C ASN A 52 10.12 8.17 -32.31
N ARG A 53 11.14 8.73 -31.66
CA ARG A 53 12.05 7.98 -30.75
C ARG A 53 11.64 8.17 -29.26
N THR A 54 10.75 9.10 -28.93
CA THR A 54 10.43 9.48 -27.53
C THR A 54 9.03 8.98 -27.22
N LYS A 55 8.86 8.05 -26.26
CA LYS A 55 7.51 7.61 -25.83
C LYS A 55 7.34 7.74 -24.31
N LEU A 56 6.15 8.15 -23.89
CA LEU A 56 5.73 8.31 -22.49
C LEU A 56 5.22 6.97 -21.96
N ILE A 57 5.77 6.50 -20.86
CA ILE A 57 5.11 5.43 -20.06
C ILE A 57 4.75 6.09 -18.73
N LYS A 58 3.46 6.24 -18.44
CA LYS A 58 2.94 6.75 -17.15
C LYS A 58 3.09 5.65 -16.08
N GLY A 59 3.83 5.96 -15.02
CA GLY A 59 4.11 4.97 -13.98
C GLY A 59 4.91 5.54 -12.83
N ASP A 60 4.77 4.88 -11.68
CA ASP A 60 5.57 5.14 -10.47
C ASP A 60 6.83 4.27 -10.55
N ILE A 61 7.99 4.79 -10.13
CA ILE A 61 9.21 3.92 -10.11
C ILE A 61 9.05 2.75 -9.12
N ARG A 62 8.08 2.79 -8.20
CA ARG A 62 7.81 1.65 -7.28
C ARG A 62 7.04 0.53 -7.98
N ASN A 63 6.62 0.72 -9.22
CA ASN A 63 5.75 -0.27 -9.94
C ASN A 63 6.63 -1.36 -10.54
N PHE A 64 6.97 -2.38 -9.76
CA PHE A 64 7.95 -3.43 -10.10
C PHE A 64 7.53 -4.10 -11.42
N ASP A 65 6.24 -4.45 -11.54
CA ASP A 65 5.73 -5.24 -12.70
C ASP A 65 5.74 -4.38 -13.96
N LEU A 66 5.43 -3.08 -13.88
CA LEU A 66 5.48 -2.21 -15.09
C LEU A 66 6.94 -2.02 -15.50
N ILE A 67 7.83 -1.79 -14.53
CA ILE A 67 9.27 -1.62 -14.82
C ILE A 67 9.78 -2.90 -15.50
N MET A 68 9.49 -4.08 -14.94
CA MET A 68 9.95 -5.39 -15.47
C MET A 68 9.42 -5.58 -16.91
N HIS A 69 8.16 -5.23 -17.16
CA HIS A 69 7.56 -5.32 -18.53
C HIS A 69 8.32 -4.38 -19.46
N THR A 70 8.70 -3.19 -18.99
CA THR A 70 9.35 -2.11 -19.80
C THR A 70 10.78 -2.53 -20.16
N LEU A 71 11.56 -2.99 -19.18
CA LEU A 71 12.96 -3.43 -19.38
C LEU A 71 13.00 -4.53 -20.42
N THR A 72 12.16 -5.55 -20.28
CA THR A 72 12.20 -6.80 -21.08
C THR A 72 11.61 -6.54 -22.47
N GLU A 73 10.43 -5.92 -22.58
CA GLU A 73 9.71 -5.79 -23.87
C GLU A 73 10.32 -4.67 -24.69
N HIS A 74 10.91 -3.64 -24.09
CA HIS A 74 11.56 -2.54 -24.86
C HIS A 74 13.09 -2.72 -24.88
N GLU A 75 13.61 -3.86 -24.41
CA GLU A 75 15.06 -4.20 -24.49
C GLU A 75 15.90 -3.01 -24.05
N ILE A 76 15.64 -2.48 -22.86
CA ILE A 76 16.34 -1.28 -22.30
C ILE A 76 17.80 -1.65 -22.03
N ASP A 77 18.74 -0.81 -22.43
CA ASP A 77 20.20 -1.02 -22.14
C ASP A 77 20.60 -0.07 -21.00
N THR A 78 19.91 1.08 -20.87
CA THR A 78 20.30 2.15 -19.93
C THR A 78 19.11 2.66 -19.12
N ILE A 79 19.23 2.73 -17.79
CA ILE A 79 18.31 3.53 -16.95
C ILE A 79 19.04 4.82 -16.56
N VAL A 80 18.35 5.94 -16.76
CA VAL A 80 18.81 7.28 -16.38
C VAL A 80 17.75 7.77 -15.40
N HIS A 81 18.09 7.73 -14.11
CA HIS A 81 17.15 7.80 -12.97
C HIS A 81 17.16 9.20 -12.35
N PHE A 82 16.20 10.05 -12.73
CA PHE A 82 16.04 11.43 -12.26
C PHE A 82 14.81 11.57 -11.35
N ALA A 83 13.96 10.55 -11.24
CA ALA A 83 12.69 10.63 -10.48
C ALA A 83 12.96 10.64 -8.97
N ALA A 84 13.46 11.73 -8.41
CA ALA A 84 13.61 11.92 -6.95
C ALA A 84 12.48 12.82 -6.45
N HIS A 85 12.16 12.79 -5.16
CA HIS A 85 11.10 13.65 -4.57
C HIS A 85 11.66 15.06 -4.44
N SER A 86 10.86 16.10 -4.73
CA SER A 86 11.34 17.50 -4.74
C SER A 86 10.70 18.34 -3.61
N HIS A 87 9.42 18.10 -3.32
CA HIS A 87 8.49 19.05 -2.62
C HIS A 87 8.83 19.10 -1.12
N VAL A 88 9.48 20.18 -0.70
CA VAL A 88 9.87 20.47 0.71
C VAL A 88 8.83 21.42 1.30
N ASP A 89 8.31 21.11 2.47
CA ASP A 89 7.61 22.13 3.32
C ASP A 89 7.75 21.73 4.79
N ASN A 90 7.17 22.53 5.69
CA ASN A 90 7.30 22.42 7.17
C ASN A 90 6.19 21.53 7.75
N SER A 91 5.44 20.82 6.89
CA SER A 91 4.25 20.03 7.28
C SER A 91 4.67 18.63 7.76
N PHE A 92 3.97 18.09 8.76
CA PHE A 92 4.20 16.71 9.28
C PHE A 92 4.09 15.70 8.13
N LYS A 93 5.01 14.72 8.11
CA LYS A 93 5.04 13.59 7.14
C LYS A 93 5.69 14.02 5.81
N ASN A 94 6.03 15.29 5.65
CA ASN A 94 6.68 15.74 4.40
C ASN A 94 7.83 14.76 4.09
N SER A 95 8.78 14.59 5.01
CA SER A 95 10.05 13.83 4.74
C SER A 95 9.74 12.35 4.44
N LEU A 96 8.61 11.82 4.90
CA LEU A 96 8.28 10.41 4.66
C LEU A 96 8.20 10.14 3.15
N ALA A 97 7.73 11.06 2.34
CA ALA A 97 7.55 10.77 0.90
C ALA A 97 8.95 10.76 0.24
N PHE A 98 9.95 11.42 0.84
CA PHE A 98 11.33 11.34 0.33
C PHE A 98 11.84 9.89 0.48
N THR A 99 11.56 9.24 1.62
CA THR A 99 12.01 7.85 1.84
C THR A 99 11.31 6.92 0.82
N GLU A 100 10.00 7.07 0.64
CA GLU A 100 9.23 6.17 -0.27
C GLU A 100 9.76 6.28 -1.70
N THR A 101 9.96 7.48 -2.21
CA THR A 101 10.40 7.68 -3.61
C THR A 101 11.91 7.52 -3.71
N ASN A 102 12.67 8.23 -2.89
CA ASN A 102 14.15 8.34 -3.10
C ASN A 102 14.85 7.03 -2.70
N VAL A 103 14.44 6.41 -1.60
CA VAL A 103 15.10 5.17 -1.12
C VAL A 103 14.34 3.96 -1.68
N PHE A 104 13.08 3.77 -1.34
CA PHE A 104 12.33 2.56 -1.77
C PHE A 104 12.17 2.56 -3.30
N GLY A 105 11.76 3.66 -3.91
CA GLY A 105 11.61 3.71 -5.39
C GLY A 105 12.91 3.37 -6.10
N THR A 106 14.01 4.01 -5.75
CA THR A 106 15.35 3.70 -6.34
C THR A 106 15.61 2.19 -6.19
N HIS A 107 15.33 1.63 -5.01
CA HIS A 107 15.62 0.20 -4.71
C HIS A 107 14.78 -0.70 -5.62
N VAL A 108 13.51 -0.38 -5.84
CA VAL A 108 12.68 -1.16 -6.80
C VAL A 108 13.38 -1.15 -8.17
N LEU A 109 13.79 0.01 -8.66
CA LEU A 109 14.46 0.08 -9.98
C LEU A 109 15.72 -0.80 -10.00
N LEU A 110 16.51 -0.79 -8.92
CA LEU A 110 17.77 -1.56 -8.87
C LEU A 110 17.44 -3.05 -8.90
N GLU A 111 16.40 -3.46 -8.16
CA GLU A 111 16.06 -4.90 -8.05
C GLU A 111 15.47 -5.38 -9.38
N CYS A 112 14.63 -4.58 -10.02
CA CYS A 112 14.13 -4.88 -11.38
C CYS A 112 15.35 -5.06 -12.29
N SER A 113 16.30 -4.13 -12.22
CA SER A 113 17.51 -4.12 -13.08
C SER A 113 18.28 -5.43 -12.83
N ARG A 114 18.46 -5.81 -11.56
CA ARG A 114 19.17 -7.06 -11.18
C ARG A 114 18.43 -8.27 -11.75
N MET A 115 17.11 -8.33 -11.62
CA MET A 115 16.30 -9.49 -12.08
C MET A 115 16.36 -9.57 -13.61
N TYR A 116 16.24 -8.43 -14.30
CA TYR A 116 16.33 -8.31 -15.77
C TYR A 116 17.69 -8.85 -16.23
N GLY A 117 18.78 -8.37 -15.65
CA GLY A 117 20.13 -8.95 -15.86
C GLY A 117 20.81 -8.49 -17.14
N LYS A 118 20.22 -7.60 -17.93
CA LYS A 118 20.79 -7.21 -19.25
C LYS A 118 21.01 -5.70 -19.34
N LEU A 119 20.93 -4.98 -18.23
CA LEU A 119 21.20 -3.52 -18.25
C LEU A 119 22.69 -3.35 -18.54
N LYS A 120 23.07 -2.35 -19.32
CA LYS A 120 24.48 -2.02 -19.56
C LYS A 120 24.89 -0.89 -18.63
N LEU A 121 23.93 -0.04 -18.23
CA LEU A 121 24.20 1.09 -17.34
C LEU A 121 22.94 1.46 -16.55
N PHE A 122 23.08 1.60 -15.23
CA PHE A 122 22.14 2.26 -14.30
C PHE A 122 22.77 3.57 -13.84
N PHE A 123 22.25 4.69 -14.33
CA PHE A 123 22.75 6.03 -13.96
C PHE A 123 21.81 6.60 -12.90
N HIS A 124 22.39 6.97 -11.74
CA HIS A 124 21.64 7.52 -10.58
C HIS A 124 21.99 9.00 -10.38
N MET A 125 21.00 9.87 -10.52
CA MET A 125 21.20 11.32 -10.32
C MET A 125 20.98 11.61 -8.83
N SER A 126 21.96 12.24 -8.19
CA SER A 126 21.95 12.60 -6.75
C SER A 126 22.31 14.08 -6.67
N THR A 127 22.61 14.61 -5.48
CA THR A 127 22.74 16.07 -5.27
C THR A 127 23.96 16.35 -4.39
N ASP A 128 24.28 17.63 -4.29
CA ASP A 128 25.37 18.13 -3.42
C ASP A 128 24.87 18.20 -1.97
N GLU A 129 23.73 17.58 -1.65
CA GLU A 129 23.30 17.36 -0.25
C GLU A 129 24.09 16.17 0.30
N VAL A 130 24.71 15.38 -0.59
CA VAL A 130 25.51 14.17 -0.24
C VAL A 130 26.99 14.44 -0.57
N TYR A 131 27.90 14.03 0.30
CA TYR A 131 29.36 14.15 0.09
C TYR A 131 30.06 12.88 0.59
N GLY A 132 30.95 12.37 -0.26
CA GLY A 132 31.72 11.13 -0.03
C GLY A 132 33.21 11.40 -0.06
N GLU A 133 33.97 10.53 0.60
CA GLU A 133 35.43 10.65 0.76
C GLU A 133 36.05 9.48 -0.01
N ILE A 134 37.15 9.77 -0.72
CA ILE A 134 37.85 8.85 -1.64
C ILE A 134 38.90 8.05 -0.86
N ASP A 135 39.23 6.84 -1.32
CA ASP A 135 40.29 5.97 -0.73
C ASP A 135 41.66 6.66 -0.89
N THR A 136 42.06 6.97 -2.13
CA THR A 136 43.37 7.57 -2.51
C THR A 136 43.12 8.51 -3.70
N THR A 137 43.91 9.59 -3.78
CA THR A 137 43.86 10.59 -4.89
C THR A 137 43.88 9.86 -6.25
N ASP A 138 44.77 8.87 -6.45
CA ASP A 138 45.01 8.23 -7.78
C ASP A 138 43.86 7.29 -8.19
N THR A 139 43.25 6.56 -7.25
CA THR A 139 42.17 5.56 -7.52
C THR A 139 40.79 6.23 -7.42
N SER A 140 40.67 7.33 -6.68
CA SER A 140 39.41 8.12 -6.55
C SER A 140 38.20 7.17 -6.50
N ARG A 141 38.19 6.23 -5.56
CA ARG A 141 36.96 5.46 -5.20
C ARG A 141 36.45 6.00 -3.85
N GLU A 142 35.15 6.30 -3.75
CA GLU A 142 34.51 6.76 -2.49
C GLU A 142 34.43 5.61 -1.50
N VAL A 143 34.79 5.84 -0.25
CA VAL A 143 34.72 4.73 0.75
C VAL A 143 33.71 5.05 1.86
N SER A 144 33.22 6.27 1.95
CA SER A 144 32.24 6.69 2.98
C SER A 144 31.36 7.83 2.49
N LEU A 145 30.17 7.99 3.08
CA LEU A 145 29.30 9.21 2.97
C LEU A 145 29.32 9.93 4.31
N LEU A 146 29.53 11.25 4.30
CA LEU A 146 29.37 12.08 5.52
C LEU A 146 27.93 11.91 6.01
N CYS A 147 27.74 12.00 7.32
CA CYS A 147 26.44 11.86 8.01
C CYS A 147 25.60 13.11 7.70
N PRO A 148 24.43 12.98 7.08
CA PRO A 148 23.61 14.15 6.78
C PRO A 148 22.96 14.73 8.05
N THR A 149 22.67 16.03 8.00
CA THR A 149 22.16 16.77 9.17
C THR A 149 20.63 16.88 9.10
N ASN A 150 19.99 16.45 8.01
CA ASN A 150 18.51 16.49 7.92
C ASN A 150 18.01 15.25 7.22
N PRO A 151 16.74 14.85 7.46
CA PRO A 151 16.22 13.60 6.95
C PRO A 151 16.10 13.58 5.41
N TYR A 152 15.89 14.74 4.79
CA TYR A 152 15.81 14.90 3.31
C TYR A 152 17.14 14.41 2.68
N ALA A 153 18.23 14.95 3.19
CA ALA A 153 19.59 14.62 2.76
C ALA A 153 19.91 13.16 3.14
N ALA A 154 19.39 12.71 4.28
CA ALA A 154 19.54 11.33 4.74
C ALA A 154 18.95 10.38 3.71
N THR A 155 17.82 10.74 3.07
CA THR A 155 17.23 9.82 2.07
C THR A 155 18.10 9.75 0.82
N LYS A 156 18.71 10.85 0.40
CA LYS A 156 19.64 10.94 -0.76
CA LYS A 156 19.61 10.89 -0.78
C LYS A 156 20.89 10.06 -0.47
N ALA A 157 21.38 10.10 0.75
CA ALA A 157 22.55 9.29 1.14
C ALA A 157 22.16 7.81 1.13
N GLY A 158 20.99 7.49 1.68
CA GLY A 158 20.46 6.13 1.73
C GLY A 158 20.35 5.54 0.34
N ALA A 159 19.80 6.30 -0.62
CA ALA A 159 19.66 5.90 -2.04
C ALA A 159 21.03 5.54 -2.62
N GLU A 160 22.02 6.41 -2.44
CA GLU A 160 23.41 6.22 -2.98
C GLU A 160 24.04 4.95 -2.41
N HIS A 161 23.87 4.69 -1.11
CA HIS A 161 24.40 3.44 -0.45
C HIS A 161 23.78 2.22 -1.15
N ILE A 162 22.46 2.20 -1.34
CA ILE A 162 21.78 1.06 -2.01
C ILE A 162 22.29 0.95 -3.45
N VAL A 163 22.34 2.06 -4.21
CA VAL A 163 22.76 2.00 -5.65
C VAL A 163 24.17 1.37 -5.73
N LYS A 164 25.12 1.86 -4.95
CA LYS A 164 26.52 1.38 -4.98
C LYS A 164 26.58 -0.10 -4.58
N SER A 165 25.76 -0.52 -3.61
CA SER A 165 25.81 -1.90 -3.07
C SER A 165 25.39 -2.90 -4.16
N TYR A 166 24.56 -2.49 -5.12
CA TYR A 166 24.12 -3.37 -6.24
C TYR A 166 25.33 -3.66 -7.15
N PHE A 167 26.23 -2.69 -7.36
CA PHE A 167 27.48 -2.88 -8.11
C PHE A 167 28.42 -3.79 -7.30
N LEU A 168 28.65 -3.45 -6.04
CA LEU A 168 29.59 -4.16 -5.11
C LEU A 168 29.15 -5.61 -4.84
N SER A 169 27.85 -5.94 -4.84
CA SER A 169 27.37 -7.33 -4.59
C SER A 169 27.09 -8.08 -5.88
N TYR A 170 26.52 -7.43 -6.89
CA TYR A 170 25.90 -8.14 -8.03
C TYR A 170 26.51 -7.73 -9.36
N LYS A 171 27.47 -6.83 -9.37
CA LYS A 171 28.07 -6.24 -10.57
C LYS A 171 27.00 -5.51 -11.40
N LEU A 172 25.91 -5.02 -10.78
CA LEU A 172 25.01 -4.13 -11.53
C LEU A 172 25.82 -2.91 -11.94
N PRO A 173 25.84 -2.55 -13.24
CA PRO A 173 26.67 -1.45 -13.71
C PRO A 173 26.12 -0.05 -13.36
N ILE A 174 26.46 0.46 -12.19
CA ILE A 174 25.90 1.74 -11.70
C ILE A 174 26.93 2.83 -11.95
N ILE A 175 26.47 4.03 -12.24
CA ILE A 175 27.28 5.25 -12.04
C ILE A 175 26.39 6.21 -11.29
N ILE A 176 26.96 6.92 -10.33
CA ILE A 176 26.27 8.00 -9.61
C ILE A 176 26.86 9.33 -10.06
N ALA A 177 26.02 10.35 -10.18
CA ALA A 177 26.43 11.75 -10.38
C ALA A 177 25.77 12.63 -9.34
N ARG A 178 26.50 13.64 -8.89
CA ARG A 178 25.99 14.68 -7.99
C ARG A 178 26.09 16.04 -8.65
N CYS A 179 25.06 16.82 -8.40
CA CYS A 179 24.79 18.09 -9.05
C CYS A 179 24.57 19.20 -8.05
N ASN A 180 25.05 20.40 -8.34
CA ASN A 180 24.60 21.64 -7.66
C ASN A 180 23.15 21.91 -8.02
N ASN A 181 22.59 23.03 -7.55
CA ASN A 181 21.21 23.43 -7.91
C ASN A 181 21.22 23.76 -9.41
N VAL A 182 20.27 23.19 -10.14
CA VAL A 182 20.15 23.37 -11.60
C VAL A 182 19.13 24.49 -11.86
N TYR A 183 19.37 25.26 -12.90
CA TYR A 183 18.46 26.32 -13.40
C TYR A 183 18.41 26.20 -14.93
N GLY A 184 17.28 26.55 -15.51
CA GLY A 184 17.07 26.52 -16.96
C GLY A 184 15.60 26.46 -17.29
N ARG A 185 15.31 26.13 -18.54
CA ARG A 185 13.94 25.92 -19.06
C ARG A 185 13.29 24.70 -18.41
N ASN A 186 11.95 24.69 -18.38
CA ASN A 186 11.14 23.48 -18.11
C ASN A 186 11.06 23.25 -16.59
N GLN A 187 11.47 24.20 -15.73
CA GLN A 187 11.34 24.04 -14.26
C GLN A 187 10.00 24.61 -13.80
N TYR A 188 9.23 23.83 -13.05
CA TYR A 188 8.00 24.29 -12.36
C TYR A 188 8.38 25.41 -11.41
N PRO A 189 7.64 26.54 -11.37
CA PRO A 189 8.04 27.66 -10.51
C PRO A 189 7.82 27.38 -9.02
N GLU A 190 8.50 26.41 -8.39
CA GLU A 190 8.41 26.24 -6.91
C GLU A 190 9.82 26.24 -6.29
N LYS A 191 10.86 26.00 -7.10
CA LYS A 191 12.28 26.23 -6.70
C LYS A 191 12.62 27.71 -6.89
N LEU A 192 13.68 28.16 -6.21
CA LEU A 192 14.04 29.58 -6.05
C LEU A 192 13.95 30.34 -7.38
N ILE A 193 14.74 29.97 -8.39
CA ILE A 193 14.91 30.86 -9.57
C ILE A 193 13.60 31.01 -10.33
N PRO A 194 12.92 29.92 -10.75
CA PRO A 194 11.68 30.09 -11.51
C PRO A 194 10.52 30.63 -10.66
N LYS A 195 10.43 30.30 -9.37
CA LYS A 195 9.42 30.94 -8.46
C LYS A 195 9.62 32.46 -8.49
N PHE A 196 10.85 32.94 -8.32
CA PHE A 196 11.13 34.40 -8.23
C PHE A 196 10.86 35.06 -9.60
N ILE A 197 11.29 34.45 -10.70
CA ILE A 197 11.06 34.97 -12.08
C ILE A 197 9.56 35.09 -12.33
N CYS A 198 8.80 34.03 -12.00
CA CYS A 198 7.34 33.98 -12.25
C CYS A 198 6.57 34.94 -11.33
N SER A 199 7.07 35.15 -10.10
CA SER A 199 6.48 36.13 -9.13
C SER A 199 6.71 37.56 -9.64
N LEU A 200 7.93 37.88 -10.08
CA LEU A 200 8.26 39.16 -10.76
C LEU A 200 7.36 39.40 -11.99
N LEU A 201 7.19 38.41 -12.87
CA LEU A 201 6.32 38.53 -14.07
C LEU A 201 4.85 38.69 -13.69
N ASP A 202 4.36 37.93 -12.70
CA ASP A 202 2.95 37.96 -12.20
C ASP A 202 2.82 39.11 -11.19
N GLY A 203 3.84 39.97 -11.08
CA GLY A 203 3.80 41.19 -10.25
C GLY A 203 3.78 40.92 -8.75
N LYS A 204 3.89 39.65 -8.30
CA LYS A 204 3.78 39.23 -6.86
C LYS A 204 5.10 39.44 -6.11
N LYS A 205 5.05 39.37 -4.78
CA LYS A 205 6.21 39.61 -3.87
C LYS A 205 7.12 38.37 -3.84
N LEU A 206 8.42 38.56 -3.70
CA LEU A 206 9.38 37.45 -3.48
C LEU A 206 9.39 37.05 -2.01
N HIS A 207 9.12 35.78 -1.70
CA HIS A 207 9.20 35.17 -0.34
C HIS A 207 10.65 34.85 0.02
N ILE A 208 11.22 35.52 1.03
CA ILE A 208 12.54 35.14 1.60
C ILE A 208 12.27 34.29 2.85
N GLN A 209 12.57 32.99 2.76
CA GLN A 209 12.55 32.02 3.89
C GLN A 209 13.71 32.33 4.83
N GLY A 210 13.44 32.61 6.10
CA GLY A 210 14.50 32.92 7.08
C GLY A 210 15.21 34.20 6.71
N THR A 211 16.55 34.23 6.83
CA THR A 211 17.40 35.44 6.65
C THR A 211 17.65 35.73 5.18
N GLY A 212 17.67 34.70 4.32
CA GLY A 212 17.96 34.87 2.89
C GLY A 212 19.46 34.82 2.64
N ASN A 213 20.22 34.36 3.63
CA ASN A 213 21.70 34.22 3.54
C ASN A 213 22.10 32.80 3.15
N SER A 214 21.17 31.85 3.05
CA SER A 214 21.50 30.48 2.58
C SER A 214 22.12 30.62 1.18
N ARG A 215 23.16 29.85 0.91
CA ARG A 215 23.90 29.87 -0.38
C ARG A 215 23.66 28.57 -1.14
N ARG A 216 23.72 28.65 -2.45
CA ARG A 216 23.72 27.48 -3.35
C ARG A 216 24.73 27.79 -4.46
N ASN A 217 25.14 26.76 -5.16
CA ASN A 217 25.84 26.86 -6.46
C ASN A 217 24.81 26.55 -7.55
N PHE A 218 24.82 27.29 -8.65
CA PHE A 218 23.82 27.15 -9.74
C PHE A 218 24.54 26.74 -11.01
N ILE A 219 24.16 25.58 -11.54
CA ILE A 219 24.63 25.08 -12.86
C ILE A 219 23.45 25.10 -13.86
N HIS A 220 23.73 25.46 -15.11
CA HIS A 220 22.72 25.49 -16.22
C HIS A 220 22.35 24.05 -16.60
N ALA A 221 21.06 23.78 -16.84
CA ALA A 221 20.54 22.44 -17.23
C ALA A 221 21.22 21.90 -18.50
N ILE A 222 21.54 22.76 -19.46
CA ILE A 222 22.23 22.35 -20.72
C ILE A 222 23.58 21.76 -20.35
N ASP A 223 24.30 22.40 -19.42
CA ASP A 223 25.61 21.89 -18.94
C ASP A 223 25.41 20.56 -18.19
N VAL A 224 24.35 20.43 -17.39
CA VAL A 224 24.06 19.15 -16.67
C VAL A 224 23.74 18.03 -17.67
N ALA A 225 22.86 18.28 -18.64
CA ALA A 225 22.46 17.23 -19.60
C ALA A 225 23.71 16.74 -20.36
N ASP A 226 24.58 17.65 -20.73
CA ASP A 226 25.84 17.34 -21.46
C ASP A 226 26.70 16.47 -20.55
N ALA A 227 26.86 16.85 -19.29
CA ALA A 227 27.71 16.10 -18.33
C ALA A 227 27.16 14.67 -18.18
N VAL A 228 25.84 14.52 -18.14
CA VAL A 228 25.23 13.19 -17.86
C VAL A 228 25.44 12.28 -19.06
N ASP A 229 25.26 12.84 -20.26
CA ASP A 229 25.53 12.13 -21.53
C ASP A 229 27.00 11.67 -21.53
N LEU A 230 27.92 12.59 -21.22
CA LEU A 230 29.38 12.27 -21.24
C LEU A 230 29.68 11.17 -20.22
N VAL A 231 29.09 11.25 -19.02
CA VAL A 231 29.34 10.24 -17.95
C VAL A 231 28.73 8.91 -18.35
N ILE A 232 27.52 8.91 -18.91
CA ILE A 232 26.91 7.63 -19.37
C ILE A 232 27.81 6.97 -20.43
N ASN A 233 28.37 7.72 -21.38
CA ASN A 233 29.09 7.10 -22.53
C ASN A 233 30.56 6.78 -22.18
N ASN A 234 31.16 7.46 -21.21
CA ASN A 234 32.63 7.36 -20.96
C ASN A 234 32.96 7.18 -19.49
N GLY A 235 31.98 7.17 -18.56
CA GLY A 235 32.27 7.09 -17.12
C GLY A 235 32.76 5.71 -16.74
N VAL A 236 33.50 5.60 -15.64
CA VAL A 236 33.94 4.27 -15.11
C VAL A 236 32.79 3.69 -14.30
N ILE A 237 32.39 2.47 -14.61
CA ILE A 237 31.29 1.77 -13.93
C ILE A 237 31.64 1.59 -12.45
N GLY A 238 30.74 1.97 -11.54
CA GLY A 238 30.94 1.88 -10.08
C GLY A 238 31.33 3.20 -9.45
N GLU A 239 31.73 4.18 -10.23
CA GLU A 239 32.23 5.45 -9.67
C GLU A 239 31.11 6.49 -9.55
N THR A 240 31.42 7.53 -8.79
CA THR A 240 30.59 8.73 -8.57
C THR A 240 31.29 9.89 -9.28
N TYR A 241 30.53 10.73 -9.96
CA TYR A 241 31.04 11.95 -10.62
C TYR A 241 30.30 13.17 -10.07
N ASN A 242 31.04 14.19 -9.66
CA ASN A 242 30.49 15.53 -9.33
C ASN A 242 30.28 16.38 -10.59
N ILE A 243 29.10 17.01 -10.67
CA ILE A 243 28.69 17.93 -11.76
C ILE A 243 28.33 19.26 -11.08
N GLY A 244 29.22 20.22 -11.15
CA GLY A 244 29.25 21.32 -10.19
C GLY A 244 30.22 22.38 -10.60
N VAL A 245 29.70 23.61 -10.70
CA VAL A 245 30.44 24.81 -11.14
C VAL A 245 30.74 25.65 -9.89
N THR A 246 31.56 26.69 -10.05
CA THR A 246 31.77 27.75 -9.04
C THR A 246 30.83 28.89 -9.41
N ASN A 247 29.67 28.96 -8.76
CA ASN A 247 28.63 29.96 -9.12
C ASN A 247 27.72 30.11 -7.90
N GLU A 248 28.32 30.60 -6.82
CA GLU A 248 27.73 30.60 -5.45
C GLU A 248 27.03 31.92 -5.18
N HIS A 249 25.80 31.86 -4.67
CA HIS A 249 24.93 33.03 -4.47
C HIS A 249 23.99 32.72 -3.30
N SER A 250 23.74 33.73 -2.49
CA SER A 250 22.73 33.65 -1.43
C SER A 250 21.37 33.84 -2.09
N VAL A 251 20.31 33.54 -1.38
CA VAL A 251 18.92 33.79 -1.85
C VAL A 251 18.78 35.28 -2.20
N LEU A 252 19.32 36.16 -1.36
CA LEU A 252 19.20 37.63 -1.51
C LEU A 252 20.02 38.08 -2.72
N ASP A 253 21.20 37.50 -2.95
CA ASP A 253 22.02 37.75 -4.17
C ASP A 253 21.16 37.43 -5.40
N VAL A 254 20.47 36.28 -5.39
CA VAL A 254 19.64 35.85 -6.54
C VAL A 254 18.46 36.81 -6.69
N ALA A 255 17.77 37.15 -5.60
CA ALA A 255 16.61 38.08 -5.66
C ALA A 255 17.05 39.40 -6.32
N GLN A 256 18.23 39.92 -5.97
CA GLN A 256 18.77 41.20 -6.47
C GLN A 256 19.04 41.12 -7.98
N ILE A 257 19.62 40.02 -8.45
CA ILE A 257 19.93 39.83 -9.89
C ILE A 257 18.63 39.81 -10.67
N LEU A 258 17.62 39.06 -10.19
CA LEU A 258 16.33 38.91 -10.91
C LEU A 258 15.54 40.23 -10.85
N CYS A 259 15.63 41.00 -9.76
CA CYS A 259 14.98 42.34 -9.64
C CYS A 259 15.61 43.31 -10.66
N ASP A 260 16.94 43.37 -10.73
CA ASP A 260 17.68 44.14 -11.77
C ASP A 260 17.16 43.76 -13.17
N ILE A 261 17.07 42.46 -13.47
CA ILE A 261 16.64 41.97 -14.81
C ILE A 261 15.19 42.40 -15.05
N ALA A 262 14.35 42.40 -14.01
CA ALA A 262 12.91 42.69 -14.13
C ALA A 262 12.67 44.20 -14.26
N GLY A 263 13.69 45.03 -14.05
CA GLY A 263 13.59 46.50 -14.04
C GLY A 263 12.89 47.02 -12.79
N VAL A 264 13.16 46.42 -11.62
CA VAL A 264 12.46 46.78 -10.35
C VAL A 264 13.46 46.79 -9.19
N ASN A 265 13.09 47.51 -8.13
CA ASN A 265 13.95 47.75 -6.94
C ASN A 265 13.67 46.64 -5.91
N LEU A 266 14.74 46.14 -5.30
CA LEU A 266 14.73 44.97 -4.38
C LEU A 266 13.82 45.28 -3.18
N GLU A 267 14.21 46.25 -2.37
CA GLU A 267 13.36 46.91 -1.33
C GLU A 267 11.94 47.08 -1.90
N ASN A 268 10.96 46.48 -1.23
CA ASN A 268 9.51 46.59 -1.53
C ASN A 268 9.07 45.39 -2.36
N GLN A 269 10.00 44.54 -2.79
CA GLN A 269 9.68 43.29 -3.51
C GLN A 269 9.73 42.10 -2.54
N LEU A 270 10.45 42.26 -1.42
CA LEU A 270 10.82 41.18 -0.48
C LEU A 270 9.82 41.10 0.69
N GLU A 271 9.14 39.96 0.80
CA GLU A 271 8.36 39.53 1.99
C GLU A 271 9.18 38.46 2.73
N TYR A 272 9.23 38.51 4.07
CA TYR A 272 10.00 37.54 4.87
C TYR A 272 9.00 36.57 5.50
N VAL A 273 9.29 35.28 5.33
CA VAL A 273 8.38 34.16 5.72
C VAL A 273 9.22 33.16 6.53
N PRO A 274 8.57 32.21 7.22
CA PRO A 274 9.29 31.29 8.09
C PRO A 274 10.41 30.54 7.35
N ASP A 275 11.51 30.33 8.08
CA ASP A 275 12.62 29.46 7.66
C ASP A 275 12.13 27.99 7.62
N ARG A 276 12.80 27.15 6.86
CA ARG A 276 12.68 25.67 6.96
C ARG A 276 13.10 25.24 8.39
N LEU A 277 12.51 24.17 8.88
CA LEU A 277 12.62 23.68 10.28
C LEU A 277 13.87 22.83 10.45
N PHE A 278 14.64 22.64 9.39
CA PHE A 278 15.78 21.70 9.39
C PHE A 278 17.06 22.40 8.93
N ASN A 279 18.13 21.71 9.30
CA ASN A 279 19.54 22.10 9.14
C ASN A 279 19.95 21.76 7.71
N ASP A 280 20.20 22.74 6.85
CA ASP A 280 20.61 22.49 5.45
C ASP A 280 21.87 23.25 5.10
N PHE A 281 23.00 22.54 5.01
CA PHE A 281 24.31 23.07 4.53
C PHE A 281 24.78 22.15 3.40
N ARG A 282 25.28 22.76 2.31
CA ARG A 282 25.69 22.02 1.08
C ARG A 282 27.22 22.00 1.00
N TYR A 283 27.75 20.84 0.63
CA TYR A 283 29.20 20.59 0.49
C TYR A 283 29.66 21.20 -0.85
N ASN A 284 30.82 21.84 -0.86
CA ASN A 284 31.38 22.48 -2.08
C ASN A 284 32.05 21.37 -2.91
N ILE A 285 31.54 21.08 -4.10
CA ILE A 285 32.05 19.97 -4.94
C ILE A 285 32.88 20.57 -6.07
N THR A 286 33.83 19.79 -6.60
CA THR A 286 34.65 20.10 -7.78
C THR A 286 34.07 19.34 -8.98
N ASN A 287 34.55 19.70 -10.17
CA ASN A 287 34.12 19.20 -11.49
C ASN A 287 35.36 18.76 -12.30
N ASP A 288 36.41 18.31 -11.62
CA ASP A 288 37.70 17.88 -12.23
C ASP A 288 37.50 16.54 -12.95
N LYS A 289 36.84 15.59 -12.28
CA LYS A 289 36.68 14.20 -12.80
C LYS A 289 35.94 14.26 -14.14
N ILE A 290 34.96 15.14 -14.24
CA ILE A 290 34.08 15.27 -15.44
C ILE A 290 34.83 16.07 -16.51
N LYS A 291 35.65 17.07 -16.12
CA LYS A 291 36.54 17.85 -17.03
C LYS A 291 37.51 16.93 -17.77
N SER A 292 38.01 15.89 -17.09
CA SER A 292 38.91 14.80 -17.60
C SER A 292 38.22 13.90 -18.62
N LEU A 293 36.91 13.72 -18.51
CA LEU A 293 36.13 12.98 -19.53
C LEU A 293 35.91 13.90 -20.73
N GLY A 294 36.24 15.19 -20.61
CA GLY A 294 36.15 16.17 -21.70
C GLY A 294 34.95 17.09 -21.60
N TRP A 295 34.31 17.18 -20.43
CA TRP A 295 33.21 18.15 -20.18
C TRP A 295 33.82 19.53 -20.05
N GLU A 296 33.16 20.52 -20.62
CA GLU A 296 33.49 21.94 -20.41
C GLU A 296 32.17 22.69 -20.20
N GLN A 297 32.08 23.45 -19.12
CA GLN A 297 30.93 24.35 -18.82
C GLN A 297 30.75 25.29 -20.02
N SER A 298 29.63 25.19 -20.72
CA SER A 298 29.34 26.02 -21.91
C SER A 298 28.53 27.25 -21.52
N ARG A 299 27.92 27.30 -20.31
CA ARG A 299 27.00 28.40 -19.92
C ARG A 299 27.51 29.00 -18.62
N LYS A 300 28.37 30.01 -18.74
CA LYS A 300 29.29 30.47 -17.67
C LYS A 300 28.78 31.79 -17.10
N ASP A 301 28.06 32.56 -17.91
CA ASP A 301 27.59 33.94 -17.60
C ASP A 301 26.21 33.87 -16.94
N PHE A 302 26.18 33.88 -15.61
CA PHE A 302 24.94 33.59 -14.83
C PHE A 302 23.90 34.64 -15.19
N LYS A 303 24.22 35.92 -15.05
CA LYS A 303 23.27 37.02 -15.32
C LYS A 303 22.72 36.91 -16.75
N LYS A 304 23.60 36.70 -17.74
CA LYS A 304 23.25 36.59 -19.18
C LYS A 304 22.23 35.44 -19.35
N GLU A 305 22.53 34.29 -18.75
CA GLU A 305 21.61 33.12 -18.79
C GLU A 305 20.26 33.46 -18.13
N LEU A 306 20.25 34.21 -17.03
CA LEU A 306 19.00 34.57 -16.32
C LEU A 306 18.17 35.58 -17.14
N VAL A 307 18.83 36.50 -17.84
CA VAL A 307 18.13 37.45 -18.77
C VAL A 307 17.34 36.60 -19.76
N GLU A 308 18.00 35.64 -20.39
CA GLU A 308 17.40 34.71 -21.39
C GLU A 308 16.30 33.88 -20.71
N LEU A 309 16.56 33.37 -19.50
CA LEU A 309 15.57 32.49 -18.79
C LEU A 309 14.32 33.31 -18.44
N PHE A 310 14.52 34.56 -18.05
CA PHE A 310 13.41 35.51 -17.75
C PHE A 310 12.50 35.62 -18.97
N ASP A 311 13.13 35.86 -20.13
CA ASP A 311 12.41 35.90 -21.43
C ASP A 311 11.63 34.59 -21.64
N TRP A 312 12.23 33.42 -21.40
CA TRP A 312 11.58 32.10 -21.65
C TRP A 312 10.33 31.90 -20.77
N TYR A 313 10.35 32.30 -19.49
CA TYR A 313 9.17 32.19 -18.59
C TYR A 313 8.11 33.23 -19.04
N LYS A 314 8.53 34.39 -19.50
CA LYS A 314 7.53 35.36 -20.07
C LYS A 314 6.67 34.64 -21.12
N VAL A 315 7.30 33.95 -22.05
CA VAL A 315 6.61 33.28 -23.20
C VAL A 315 5.88 32.00 -22.73
N ASN A 316 6.48 31.17 -21.87
CA ASN A 316 6.08 29.74 -21.72
C ASN A 316 5.45 29.41 -20.35
N ARG A 317 5.44 30.33 -19.39
CA ARG A 317 5.13 29.96 -17.99
C ARG A 317 3.66 29.49 -17.87
N HIS A 318 2.81 29.85 -18.85
CA HIS A 318 1.37 29.48 -18.85
C HIS A 318 1.23 27.97 -18.91
N ARG A 319 2.28 27.26 -19.35
CA ARG A 319 2.41 25.78 -19.26
C ARG A 319 2.09 25.29 -17.84
N TYR A 320 2.42 26.07 -16.80
CA TYR A 320 2.36 25.71 -15.36
C TYR A 320 1.22 26.46 -14.68
N GLY B 2 14.60 3.85 36.71
CA GLY B 2 15.46 5.04 36.46
C GLY B 2 14.63 6.23 35.99
N HIS B 3 14.87 6.72 34.78
CA HIS B 3 14.07 7.80 34.15
C HIS B 3 13.16 7.21 33.07
N MET B 4 12.59 6.03 33.34
CA MET B 4 11.70 5.27 32.42
C MET B 4 10.47 4.84 33.20
N LYS B 5 9.27 5.25 32.81
CA LYS B 5 8.00 4.76 33.42
C LYS B 5 7.20 3.97 32.38
N ASN B 6 7.06 4.48 31.15
CA ASN B 6 6.24 3.80 30.11
C ASN B 6 7.09 3.68 28.84
N ILE B 7 7.43 2.45 28.44
CA ILE B 7 8.36 2.24 27.29
C ILE B 7 7.67 1.39 26.21
N LEU B 8 7.89 1.78 24.97
CA LEU B 8 7.40 1.06 23.77
C LEU B 8 8.58 0.31 23.15
N VAL B 9 8.55 -1.01 23.24
CA VAL B 9 9.61 -1.92 22.71
C VAL B 9 9.07 -2.50 21.39
N THR B 10 9.49 -1.93 20.27
CA THR B 10 9.14 -2.51 18.95
C THR B 10 9.95 -3.79 18.75
N GLY B 11 9.30 -4.81 18.23
CA GLY B 11 9.96 -6.10 17.99
C GLY B 11 10.16 -6.86 19.29
N GLY B 12 9.34 -6.57 20.32
CA GLY B 12 9.57 -7.15 21.66
C GLY B 12 9.20 -8.62 21.75
N LEU B 13 8.54 -9.19 20.73
CA LEU B 13 8.24 -10.65 20.65
C LEU B 13 9.40 -11.42 19.99
N GLY B 14 10.35 -10.70 19.43
CA GLY B 14 11.48 -11.31 18.72
C GLY B 14 12.62 -11.66 19.66
N PHE B 15 13.73 -12.09 19.09
CA PHE B 15 14.92 -12.63 19.78
C PHE B 15 15.50 -11.58 20.75
N ILE B 16 16.09 -10.52 20.23
CA ILE B 16 16.75 -9.50 21.09
C ILE B 16 15.69 -8.74 21.92
N GLY B 17 14.57 -8.34 21.30
CA GLY B 17 13.47 -7.61 21.96
C GLY B 17 12.95 -8.33 23.18
N SER B 18 12.65 -9.63 23.08
CA SER B 18 12.10 -10.44 24.20
C SER B 18 13.14 -10.58 25.31
N ASN B 19 14.42 -10.80 24.98
CA ASN B 19 15.52 -10.84 25.97
C ASN B 19 15.59 -9.49 26.69
N PHE B 20 15.52 -8.37 25.98
CA PHE B 20 15.49 -7.04 26.61
C PHE B 20 14.23 -6.85 27.50
N VAL B 21 13.05 -7.22 27.01
CA VAL B 21 11.78 -7.05 27.77
C VAL B 21 11.89 -7.82 29.12
N ASN B 22 12.33 -9.07 29.09
CA ASN B 22 12.45 -9.94 30.30
C ASN B 22 13.52 -9.37 31.24
N HIS B 23 14.55 -8.70 30.70
CA HIS B 23 15.62 -8.08 31.53
C HIS B 23 15.04 -6.88 32.27
N ILE B 24 14.28 -6.04 31.57
CA ILE B 24 13.66 -4.82 32.15
C ILE B 24 12.59 -5.22 33.18
N SER B 25 11.75 -6.22 32.89
CA SER B 25 10.58 -6.58 33.73
C SER B 25 11.07 -7.20 35.03
N SER B 26 12.24 -7.83 35.05
CA SER B 26 12.78 -8.51 36.25
C SER B 26 13.68 -7.55 37.03
N LYS B 27 14.24 -6.52 36.38
CA LYS B 27 15.13 -5.54 37.03
C LYS B 27 14.34 -4.35 37.58
N TYR B 28 13.29 -3.91 36.87
CA TYR B 28 12.56 -2.66 37.15
C TYR B 28 11.06 -2.94 37.22
N ASP B 29 10.53 -3.33 38.38
CA ASP B 29 9.11 -3.74 38.48
C ASP B 29 8.19 -2.51 38.47
N ASN B 30 8.73 -1.29 38.42
CA ASN B 30 7.90 -0.06 38.26
C ASN B 30 7.54 0.22 36.78
N VAL B 31 8.28 -0.33 35.82
CA VAL B 31 8.21 0.14 34.39
C VAL B 31 7.09 -0.61 33.65
N ASN B 32 6.15 0.14 33.07
CA ASN B 32 5.15 -0.37 32.09
C ASN B 32 5.88 -0.63 30.76
N ILE B 33 5.76 -1.84 30.24
CA ILE B 33 6.41 -2.24 28.96
C ILE B 33 5.31 -2.60 27.97
N TYR B 34 5.21 -1.80 26.92
CA TYR B 34 4.34 -2.10 25.76
C TYR B 34 5.18 -2.73 24.65
N VAL B 35 5.05 -4.05 24.50
CA VAL B 35 5.63 -4.83 23.36
C VAL B 35 4.78 -4.52 22.13
N TYR B 36 5.39 -3.90 21.13
CA TYR B 36 4.73 -3.53 19.85
C TYR B 36 5.34 -4.41 18.76
N ASP B 37 4.54 -5.28 18.15
CA ASP B 37 5.07 -6.38 17.30
C ASP B 37 3.98 -6.85 16.33
N ILE B 38 4.41 -7.11 15.11
CA ILE B 38 3.56 -7.53 13.97
C ILE B 38 3.28 -9.04 14.11
N GLY B 39 4.01 -9.75 14.98
CA GLY B 39 3.83 -11.20 15.21
C GLY B 39 4.04 -12.04 13.95
N ASP B 40 5.20 -11.92 13.30
CA ASP B 40 5.52 -12.78 12.14
C ASP B 40 6.17 -14.06 12.67
N TYR B 41 6.66 -14.95 11.80
CA TYR B 41 6.98 -16.36 12.16
C TYR B 41 8.18 -16.43 13.12
N CYS B 42 9.10 -15.46 13.11
CA CYS B 42 10.27 -15.46 14.02
CA CYS B 42 10.29 -15.41 14.00
C CYS B 42 9.90 -14.94 15.42
N ALA B 43 8.67 -14.43 15.59
CA ALA B 43 8.15 -13.89 16.86
C ALA B 43 7.46 -15.01 17.65
N SER B 44 7.37 -14.91 18.97
CA SER B 44 6.60 -15.87 19.80
C SER B 44 6.24 -15.22 21.13
N VAL B 45 4.95 -15.20 21.44
CA VAL B 45 4.37 -14.77 22.74
C VAL B 45 5.14 -15.45 23.89
N GLU B 46 5.54 -16.71 23.71
CA GLU B 46 6.21 -17.51 24.78
C GLU B 46 7.67 -17.09 25.01
N ASN B 47 8.21 -16.19 24.18
CA ASN B 47 9.56 -15.57 24.39
C ASN B 47 9.54 -14.65 25.62
N VAL B 48 8.38 -14.02 25.88
CA VAL B 48 8.19 -12.95 26.90
C VAL B 48 7.58 -13.58 28.17
N GLU B 49 8.11 -13.24 29.34
CA GLU B 49 7.55 -13.58 30.69
C GLU B 49 6.53 -12.51 31.05
N TRP B 50 5.28 -12.74 30.73
CA TRP B 50 4.19 -11.74 30.85
C TRP B 50 3.83 -11.57 32.34
N ASN B 51 3.65 -10.32 32.77
CA ASN B 51 3.21 -9.97 34.15
C ASN B 51 2.28 -8.76 34.00
N ASN B 52 1.92 -8.11 35.09
CA ASN B 52 0.92 -7.00 35.07
C ASN B 52 1.55 -5.72 34.50
N ARG B 53 2.88 -5.69 34.34
CA ARG B 53 3.61 -4.54 33.74
C ARG B 53 3.74 -4.72 32.22
N THR B 54 3.65 -5.94 31.69
CA THR B 54 3.91 -6.24 30.25
C THR B 54 2.60 -6.32 29.48
N LYS B 55 2.45 -5.49 28.45
CA LYS B 55 1.24 -5.46 27.58
C LYS B 55 1.69 -5.67 26.13
N LEU B 56 0.84 -6.28 25.31
CA LEU B 56 1.12 -6.57 23.88
C LEU B 56 0.24 -5.68 23.01
N ILE B 57 0.85 -4.92 22.09
CA ILE B 57 0.11 -4.24 21.01
C ILE B 57 0.54 -4.84 19.68
N LYS B 58 -0.43 -5.38 18.96
CA LYS B 58 -0.22 -6.01 17.64
C LYS B 58 -0.27 -4.88 16.60
N GLY B 59 0.82 -4.70 15.86
CA GLY B 59 0.88 -3.67 14.83
C GLY B 59 2.21 -3.62 14.13
N ASP B 60 2.20 -2.93 12.98
CA ASP B 60 3.37 -2.68 12.12
C ASP B 60 3.98 -1.35 12.56
N ILE B 61 5.31 -1.22 12.52
CA ILE B 61 5.93 0.10 12.88
C ILE B 61 5.56 1.14 11.82
N ARG B 62 5.08 0.72 10.66
CA ARG B 62 4.67 1.65 9.61
C ARG B 62 3.26 2.20 9.86
N ASN B 63 2.59 1.74 10.91
CA ASN B 63 1.18 2.12 11.24
C ASN B 63 1.24 3.46 11.99
N PHE B 64 1.30 4.57 11.26
CA PHE B 64 1.47 5.93 11.83
C PHE B 64 0.40 6.15 12.91
N ASP B 65 -0.87 5.85 12.59
CA ASP B 65 -2.01 6.25 13.46
C ASP B 65 -2.03 5.38 14.71
N LEU B 66 -1.65 4.09 14.62
CA LEU B 66 -1.65 3.21 15.81
C LEU B 66 -0.51 3.64 16.73
N ILE B 67 0.62 4.03 16.13
CA ILE B 67 1.81 4.48 16.91
C ILE B 67 1.46 5.79 17.62
N MET B 68 0.91 6.75 16.91
CA MET B 68 0.50 8.05 17.49
C MET B 68 -0.49 7.80 18.65
N HIS B 69 -1.43 6.87 18.48
CA HIS B 69 -2.45 6.53 19.52
C HIS B 69 -1.70 6.01 20.75
N THR B 70 -0.77 5.10 20.53
CA THR B 70 0.00 4.42 21.61
C THR B 70 0.85 5.46 22.35
N LEU B 71 1.59 6.32 21.65
CA LEU B 71 2.50 7.25 22.36
C LEU B 71 1.65 8.18 23.27
N THR B 72 0.58 8.77 22.74
CA THR B 72 -0.25 9.77 23.46
C THR B 72 -0.99 9.02 24.57
N GLU B 73 -1.69 7.93 24.24
CA GLU B 73 -2.67 7.31 25.16
C GLU B 73 -1.95 6.56 26.27
N HIS B 74 -0.73 6.08 26.05
CA HIS B 74 0.03 5.36 27.12
C HIS B 74 1.17 6.23 27.65
N GLU B 75 1.25 7.49 27.19
CA GLU B 75 2.22 8.49 27.70
C GLU B 75 3.64 7.94 27.62
N ILE B 76 4.02 7.41 26.47
CA ILE B 76 5.36 6.77 26.28
C ILE B 76 6.43 7.83 26.48
N ASP B 77 7.49 7.49 27.24
CA ASP B 77 8.68 8.36 27.44
C ASP B 77 9.87 7.84 26.58
N THR B 78 9.95 6.53 26.32
CA THR B 78 11.07 5.86 25.63
C THR B 78 10.54 4.88 24.56
N ILE B 79 11.09 4.98 23.36
CA ILE B 79 10.95 3.91 22.34
C ILE B 79 12.28 3.15 22.36
N VAL B 80 12.22 1.82 22.41
CA VAL B 80 13.35 0.89 22.21
C VAL B 80 13.03 0.11 20.94
N HIS B 81 13.69 0.48 19.84
CA HIS B 81 13.32 0.02 18.48
C HIS B 81 14.20 -1.18 18.08
N PHE B 82 13.65 -2.41 18.18
CA PHE B 82 14.32 -3.66 17.73
C PHE B 82 13.67 -4.23 16.46
N ALA B 83 12.53 -3.71 16.01
CA ALA B 83 11.76 -4.28 14.89
C ALA B 83 12.47 -4.03 13.55
N ALA B 84 13.62 -4.67 13.29
CA ALA B 84 14.32 -4.67 11.98
C ALA B 84 13.96 -5.94 11.22
N HIS B 85 14.03 -5.94 9.87
CA HIS B 85 13.75 -7.14 9.03
C HIS B 85 14.93 -8.13 9.20
N SER B 86 14.64 -9.43 9.20
CA SER B 86 15.65 -10.48 9.51
C SER B 86 15.88 -11.42 8.32
N HIS B 87 14.81 -11.87 7.64
CA HIS B 87 14.87 -13.06 6.75
C HIS B 87 15.65 -12.74 5.46
N VAL B 88 16.85 -13.32 5.34
CA VAL B 88 17.68 -13.25 4.11
C VAL B 88 17.47 -14.53 3.28
N ASP B 89 17.27 -14.37 1.96
CA ASP B 89 17.16 -15.49 0.98
C ASP B 89 17.56 -14.98 -0.41
N ASN B 90 17.84 -15.91 -1.34
CA ASN B 90 18.45 -15.61 -2.68
C ASN B 90 17.36 -15.22 -3.69
N SER B 91 16.11 -15.04 -3.25
CA SER B 91 14.92 -14.81 -4.10
C SER B 91 14.78 -13.31 -4.42
N PHE B 92 14.20 -12.99 -5.57
CA PHE B 92 13.99 -11.61 -6.06
C PHE B 92 13.05 -10.88 -5.08
N LYS B 93 13.39 -9.62 -4.79
CA LYS B 93 12.63 -8.67 -3.93
C LYS B 93 13.00 -8.88 -2.46
N ASN B 94 13.84 -9.87 -2.09
CA ASN B 94 14.15 -10.12 -0.67
C ASN B 94 14.60 -8.81 -0.01
N SER B 95 15.54 -8.07 -0.63
CA SER B 95 16.19 -6.88 -0.02
C SER B 95 15.18 -5.72 0.05
N LEU B 96 14.14 -5.73 -0.79
CA LEU B 96 13.10 -4.66 -0.79
C LEU B 96 12.39 -4.60 0.57
N ALA B 97 12.07 -5.75 1.17
CA ALA B 97 11.39 -5.82 2.49
C ALA B 97 12.31 -5.20 3.56
N PHE B 98 13.63 -5.24 3.38
CA PHE B 98 14.60 -4.61 4.32
C PHE B 98 14.42 -3.09 4.30
N THR B 99 14.27 -2.51 3.11
CA THR B 99 14.05 -1.05 2.96
C THR B 99 12.70 -0.68 3.56
N GLU B 100 11.66 -1.44 3.25
CA GLU B 100 10.30 -1.13 3.74
C GLU B 100 10.28 -1.13 5.28
N THR B 101 10.85 -2.13 5.95
CA THR B 101 10.84 -2.20 7.44
C THR B 101 11.96 -1.33 8.04
N ASN B 102 13.19 -1.50 7.55
CA ASN B 102 14.36 -0.91 8.25
C ASN B 102 14.43 0.59 7.99
N VAL B 103 14.20 1.04 6.77
CA VAL B 103 14.36 2.47 6.45
C VAL B 103 12.99 3.16 6.63
N PHE B 104 11.98 2.78 5.85
CA PHE B 104 10.66 3.44 5.91
C PHE B 104 10.03 3.23 7.30
N GLY B 105 10.06 2.02 7.86
CA GLY B 105 9.42 1.75 9.16
C GLY B 105 10.05 2.57 10.31
N THR B 106 11.37 2.63 10.36
CA THR B 106 12.12 3.43 11.33
C THR B 106 11.69 4.90 11.13
N HIS B 107 11.60 5.34 9.89
CA HIS B 107 11.29 6.75 9.59
C HIS B 107 9.88 7.08 10.11
N VAL B 108 8.89 6.23 9.87
CA VAL B 108 7.51 6.42 10.44
C VAL B 108 7.66 6.58 11.98
N LEU B 109 8.40 5.70 12.66
CA LEU B 109 8.56 5.81 14.13
C LEU B 109 9.12 7.18 14.51
N LEU B 110 10.12 7.66 13.78
CA LEU B 110 10.81 8.93 14.09
C LEU B 110 9.82 10.11 13.93
N GLU B 111 9.09 10.12 12.83
CA GLU B 111 8.15 11.21 12.48
C GLU B 111 7.02 11.23 13.51
N CYS B 112 6.52 10.06 13.91
CA CYS B 112 5.50 9.95 14.98
C CYS B 112 6.09 10.55 16.25
N SER B 113 7.32 10.17 16.57
CA SER B 113 8.03 10.68 17.77
C SER B 113 8.15 12.21 17.67
N ARG B 114 8.41 12.75 16.47
CA ARG B 114 8.61 14.20 16.26
C ARG B 114 7.27 14.92 16.47
N MET B 115 6.18 14.34 15.95
CA MET B 115 4.81 14.91 16.04
C MET B 115 4.32 14.79 17.50
N TYR B 116 4.51 13.64 18.16
CA TYR B 116 4.24 13.46 19.61
C TYR B 116 4.96 14.52 20.46
N GLY B 117 6.27 14.67 20.28
CA GLY B 117 7.06 15.78 20.85
C GLY B 117 7.39 15.59 22.32
N LYS B 118 7.04 14.45 22.91
CA LYS B 118 7.19 14.26 24.39
C LYS B 118 8.15 13.13 24.73
N LEU B 119 8.82 12.55 23.72
CA LEU B 119 9.72 11.41 23.98
C LEU B 119 10.93 11.95 24.74
N LYS B 120 11.38 11.25 25.79
CA LYS B 120 12.66 11.46 26.48
C LYS B 120 13.78 10.66 25.78
N LEU B 121 13.47 9.54 25.12
CA LEU B 121 14.53 8.82 24.36
C LEU B 121 13.93 8.00 23.21
N PHE B 122 14.60 8.03 22.04
CA PHE B 122 14.39 7.09 20.91
C PHE B 122 15.65 6.24 20.76
N PHE B 123 15.60 4.99 21.17
CA PHE B 123 16.79 4.10 21.14
C PHE B 123 16.65 3.26 19.86
N HIS B 124 17.62 3.38 18.96
CA HIS B 124 17.66 2.64 17.67
C HIS B 124 18.71 1.52 17.76
N MET B 125 18.29 0.27 17.59
CA MET B 125 19.24 -0.88 17.55
C MET B 125 19.70 -1.10 16.10
N SER B 126 21.01 -1.14 15.90
CA SER B 126 21.66 -1.35 14.58
C SER B 126 22.71 -2.45 14.79
N THR B 127 23.60 -2.67 13.83
CA THR B 127 24.43 -3.89 13.76
C THR B 127 25.82 -3.52 13.25
N ASP B 128 26.76 -4.47 13.38
CA ASP B 128 28.15 -4.35 12.89
C ASP B 128 28.22 -4.52 11.36
N GLU B 129 27.07 -4.50 10.68
CA GLU B 129 27.00 -4.34 9.21
C GLU B 129 27.37 -2.90 8.84
N VAL B 130 27.24 -1.98 9.79
CA VAL B 130 27.54 -0.53 9.63
C VAL B 130 28.82 -0.20 10.38
N TYR B 131 29.67 0.66 9.81
CA TYR B 131 30.86 1.19 10.52
C TYR B 131 30.80 2.71 10.48
N GLY B 132 30.60 3.31 11.65
CA GLY B 132 30.62 4.77 11.85
C GLY B 132 32.03 5.22 12.14
N GLU B 133 32.54 6.15 11.33
CA GLU B 133 33.88 6.74 11.50
C GLU B 133 33.73 7.91 12.45
N ILE B 134 34.66 8.01 13.38
CA ILE B 134 34.53 9.04 14.43
C ILE B 134 35.39 10.25 14.03
N ASP B 135 34.96 11.42 14.44
CA ASP B 135 35.73 12.68 14.36
C ASP B 135 37.06 12.43 15.09
N THR B 136 38.19 12.61 14.40
CA THR B 136 39.54 12.46 14.98
C THR B 136 39.73 13.56 16.06
N THR B 137 39.12 14.72 15.84
CA THR B 137 39.03 15.87 16.81
C THR B 137 38.35 15.43 18.11
N ASP B 138 37.24 14.68 18.00
CA ASP B 138 36.21 14.52 19.06
C ASP B 138 35.60 13.13 18.95
N THR B 139 35.99 12.20 19.82
CA THR B 139 35.73 10.76 19.61
C THR B 139 34.28 10.42 20.01
N SER B 140 33.54 11.39 20.57
CA SER B 140 32.11 11.25 20.92
C SER B 140 31.25 11.38 19.65
N ARG B 141 31.83 11.84 18.54
CA ARG B 141 31.13 12.34 17.35
C ARG B 141 31.42 11.52 16.09
N GLU B 142 30.37 11.01 15.44
CA GLU B 142 30.49 10.27 14.16
C GLU B 142 30.38 11.23 12.99
N VAL B 143 31.21 11.09 11.96
CA VAL B 143 31.25 12.07 10.84
C VAL B 143 30.75 11.40 9.58
N SER B 144 30.88 10.08 9.48
CA SER B 144 30.55 9.35 8.24
C SER B 144 30.26 7.89 8.53
N LEU B 145 29.58 7.22 7.61
CA LEU B 145 29.44 5.74 7.59
C LEU B 145 30.21 5.21 6.38
N LEU B 146 30.88 4.07 6.52
CA LEU B 146 31.57 3.40 5.38
C LEU B 146 30.48 2.91 4.41
N CYS B 147 30.79 2.91 3.12
CA CYS B 147 29.91 2.42 2.03
C CYS B 147 29.57 0.95 2.23
N PRO B 148 28.29 0.60 2.49
CA PRO B 148 27.91 -0.79 2.61
C PRO B 148 28.17 -1.53 1.29
N THR B 149 28.50 -2.81 1.38
CA THR B 149 28.87 -3.66 0.22
C THR B 149 27.70 -4.51 -0.28
N ASN B 150 26.56 -4.50 0.42
CA ASN B 150 25.35 -5.23 0.02
C ASN B 150 24.12 -4.39 0.42
N PRO B 151 22.95 -4.60 -0.22
CA PRO B 151 21.78 -3.75 0.02
C PRO B 151 21.17 -3.94 1.41
N TYR B 152 21.29 -5.14 1.96
CA TYR B 152 20.86 -5.45 3.34
C TYR B 152 21.56 -4.46 4.26
N ALA B 153 22.89 -4.40 4.17
CA ALA B 153 23.71 -3.52 5.02
C ALA B 153 23.40 -2.07 4.64
N ALA B 154 23.10 -1.77 3.36
CA ALA B 154 22.79 -0.37 2.96
C ALA B 154 21.52 0.12 3.69
N THR B 155 20.53 -0.74 3.92
CA THR B 155 19.28 -0.33 4.63
C THR B 155 19.60 -0.01 6.09
N LYS B 156 20.59 -0.70 6.68
CA LYS B 156 20.99 -0.42 8.08
C LYS B 156 21.63 0.97 8.11
N ALA B 157 22.56 1.25 7.18
CA ALA B 157 23.24 2.56 7.10
C ALA B 157 22.19 3.66 6.87
N GLY B 158 21.23 3.42 5.97
CA GLY B 158 20.19 4.42 5.64
C GLY B 158 19.36 4.77 6.86
N ALA B 159 18.95 3.74 7.64
CA ALA B 159 18.20 3.89 8.90
C ALA B 159 19.02 4.76 9.86
N GLU B 160 20.31 4.46 10.08
CA GLU B 160 21.16 5.26 11.01
C GLU B 160 21.21 6.72 10.55
N HIS B 161 21.37 6.98 9.25
CA HIS B 161 21.49 8.39 8.77
C HIS B 161 20.21 9.16 9.15
N ILE B 162 19.04 8.57 8.92
CA ILE B 162 17.73 9.25 9.18
C ILE B 162 17.56 9.44 10.69
N VAL B 163 17.81 8.41 11.50
CA VAL B 163 17.68 8.50 12.99
C VAL B 163 18.50 9.69 13.48
N LYS B 164 19.78 9.74 13.12
CA LYS B 164 20.72 10.81 13.57
C LYS B 164 20.18 12.16 13.07
N SER B 165 19.65 12.23 11.86
CA SER B 165 19.21 13.53 11.25
C SER B 165 18.03 14.11 12.05
N TYR B 166 17.27 13.28 12.75
CA TYR B 166 16.11 13.72 13.56
C TYR B 166 16.62 14.47 14.80
N PHE B 167 17.77 14.05 15.33
CA PHE B 167 18.43 14.76 16.44
C PHE B 167 19.06 16.05 15.91
N LEU B 168 19.81 15.96 14.80
CA LEU B 168 20.63 17.10 14.31
C LEU B 168 19.66 18.19 13.81
N SER B 169 18.47 17.84 13.30
CA SER B 169 17.50 18.84 12.74
C SER B 169 16.44 19.26 13.77
N TYR B 170 15.87 18.35 14.55
CA TYR B 170 14.64 18.59 15.35
C TYR B 170 14.89 18.36 16.85
N LYS B 171 16.11 18.01 17.23
CA LYS B 171 16.47 17.65 18.63
C LYS B 171 15.62 16.49 19.14
N LEU B 172 15.10 15.62 18.28
CA LEU B 172 14.56 14.34 18.79
C LEU B 172 15.69 13.62 19.54
N PRO B 173 15.44 13.16 20.78
CA PRO B 173 16.49 12.54 21.59
C PRO B 173 16.76 11.10 21.21
N ILE B 174 17.64 10.91 20.21
CA ILE B 174 18.01 9.56 19.73
C ILE B 174 19.28 9.09 20.42
N ILE B 175 19.41 7.79 20.58
CA ILE B 175 20.73 7.13 20.75
C ILE B 175 20.71 5.92 19.83
N ILE B 176 21.83 5.69 19.16
CA ILE B 176 22.01 4.47 18.33
C ILE B 176 23.00 3.56 19.06
N ALA B 177 22.72 2.26 19.07
CA ALA B 177 23.72 1.24 19.45
C ALA B 177 23.89 0.25 18.30
N ARG B 178 25.13 -0.22 18.14
CA ARG B 178 25.48 -1.29 17.19
C ARG B 178 25.98 -2.48 17.99
N CYS B 179 25.56 -3.62 17.49
CA CYS B 179 25.77 -4.91 18.12
C CYS B 179 26.43 -5.89 17.16
N ASN B 180 27.28 -6.78 17.64
CA ASN B 180 27.69 -7.96 16.86
C ASN B 180 26.47 -8.88 16.69
N ASN B 181 26.66 -10.01 16.00
CA ASN B 181 25.70 -11.15 15.97
C ASN B 181 25.44 -11.63 17.41
N VAL B 182 24.18 -11.75 17.75
CA VAL B 182 23.72 -12.15 19.09
C VAL B 182 23.42 -13.65 19.03
N TYR B 183 23.74 -14.35 20.11
CA TYR B 183 23.27 -15.74 20.35
C TYR B 183 22.67 -15.79 21.76
N GLY B 184 21.76 -16.74 22.00
CA GLY B 184 21.10 -16.97 23.29
C GLY B 184 19.71 -17.54 23.10
N ARG B 185 18.90 -17.44 24.16
CA ARG B 185 17.53 -17.98 24.22
C ARG B 185 16.61 -17.13 23.37
N ASN B 186 15.57 -17.75 22.84
CA ASN B 186 14.42 -17.10 22.18
C ASN B 186 14.74 -16.79 20.72
N GLN B 187 15.81 -17.34 20.13
CA GLN B 187 16.10 -17.06 18.69
C GLN B 187 15.40 -18.14 17.86
N TYR B 188 14.58 -17.70 16.92
CA TYR B 188 13.95 -18.59 15.93
C TYR B 188 15.07 -19.32 15.20
N PRO B 189 14.97 -20.64 14.97
CA PRO B 189 16.14 -21.36 14.49
C PRO B 189 16.33 -21.22 12.97
N GLU B 190 16.54 -20.01 12.44
CA GLU B 190 16.94 -19.88 11.00
C GLU B 190 18.31 -19.20 10.88
N LYS B 191 18.82 -18.54 11.94
CA LYS B 191 20.19 -17.99 12.01
C LYS B 191 21.13 -19.14 12.41
N LEU B 192 22.42 -19.02 12.07
CA LEU B 192 23.47 -20.06 12.13
C LEU B 192 23.36 -20.91 13.40
N ILE B 193 23.53 -20.29 14.56
CA ILE B 193 23.75 -21.06 15.82
C ILE B 193 22.50 -21.87 16.15
N PRO B 194 21.30 -21.27 16.28
CA PRO B 194 20.12 -22.07 16.62
C PRO B 194 19.71 -23.06 15.51
N LYS B 195 19.91 -22.70 14.24
CA LYS B 195 19.63 -23.63 13.12
C LYS B 195 20.51 -24.87 13.25
N PHE B 196 21.82 -24.68 13.46
CA PHE B 196 22.77 -25.80 13.57
C PHE B 196 22.45 -26.61 14.83
N ILE B 197 22.15 -25.95 15.96
CA ILE B 197 21.84 -26.67 17.24
C ILE B 197 20.64 -27.58 16.96
N CYS B 198 19.56 -27.04 16.39
CA CYS B 198 18.27 -27.74 16.17
C CYS B 198 18.43 -28.84 15.10
N SER B 199 19.24 -28.58 14.07
CA SER B 199 19.66 -29.59 13.07
C SER B 199 20.39 -30.72 13.77
N LEU B 200 21.35 -30.41 14.64
CA LEU B 200 22.09 -31.47 15.38
C LEU B 200 21.13 -32.22 16.31
N LEU B 201 20.10 -31.57 16.84
CA LEU B 201 19.16 -32.26 17.78
C LEU B 201 18.22 -33.17 16.99
N ASP B 202 17.84 -32.81 15.75
CA ASP B 202 16.86 -33.56 14.91
C ASP B 202 17.55 -34.58 13.99
N GLY B 203 18.83 -34.89 14.21
CA GLY B 203 19.59 -35.93 13.47
C GLY B 203 20.15 -35.49 12.11
N LYS B 204 19.90 -34.24 11.68
CA LYS B 204 20.12 -33.75 10.28
C LYS B 204 21.48 -33.08 10.12
N LYS B 205 21.91 -32.88 8.86
CA LYS B 205 23.26 -32.38 8.51
C LYS B 205 23.24 -30.85 8.60
N LEU B 206 24.40 -30.25 8.77
CA LEU B 206 24.53 -28.78 8.78
C LEU B 206 24.82 -28.30 7.35
N HIS B 207 23.96 -27.42 6.84
CA HIS B 207 24.09 -26.77 5.52
C HIS B 207 25.22 -25.73 5.62
N ILE B 208 26.32 -25.97 4.91
CA ILE B 208 27.40 -24.96 4.79
C ILE B 208 27.17 -24.22 3.48
N GLN B 209 26.78 -22.94 3.56
CA GLN B 209 26.69 -22.04 2.42
C GLN B 209 28.12 -21.74 1.98
N GLY B 210 28.45 -22.04 0.72
CA GLY B 210 29.78 -21.71 0.16
C GLY B 210 30.85 -22.50 0.87
N THR B 211 31.93 -21.85 1.28
CA THR B 211 33.11 -22.55 1.87
C THR B 211 32.98 -22.69 3.38
N GLY B 212 32.17 -21.86 4.04
CA GLY B 212 32.08 -21.90 5.50
C GLY B 212 33.17 -21.05 6.16
N ASN B 213 33.87 -20.24 5.37
CA ASN B 213 34.98 -19.36 5.85
C ASN B 213 34.44 -17.99 6.33
N SER B 214 33.19 -17.61 6.09
CA SER B 214 32.62 -16.36 6.67
C SER B 214 32.77 -16.33 8.20
N ARG B 215 33.22 -15.18 8.71
CA ARG B 215 33.54 -14.94 10.14
C ARG B 215 32.59 -13.88 10.70
N ARG B 216 32.09 -14.12 11.92
CA ARG B 216 31.30 -13.18 12.73
C ARG B 216 31.95 -13.08 14.12
N ASN B 217 31.67 -12.00 14.83
CA ASN B 217 31.82 -11.94 16.31
C ASN B 217 30.44 -12.26 16.90
N PHE B 218 30.40 -13.06 17.97
CA PHE B 218 29.16 -13.47 18.65
C PHE B 218 29.15 -12.96 20.10
N ILE B 219 28.08 -12.26 20.47
CA ILE B 219 27.86 -11.66 21.81
C ILE B 219 26.60 -12.32 22.40
N HIS B 220 26.62 -12.63 23.70
CA HIS B 220 25.46 -13.23 24.39
C HIS B 220 24.33 -12.21 24.53
N ALA B 221 23.07 -12.65 24.39
CA ALA B 221 21.84 -11.83 24.52
C ALA B 221 21.82 -11.12 25.88
N ILE B 222 22.32 -11.75 26.95
CA ILE B 222 22.29 -11.22 28.34
C ILE B 222 23.23 -10.01 28.43
N ASP B 223 24.39 -10.09 27.81
CA ASP B 223 25.37 -8.97 27.68
C ASP B 223 24.76 -7.83 26.84
N VAL B 224 24.01 -8.14 25.78
CA VAL B 224 23.31 -7.13 24.93
C VAL B 224 22.23 -6.43 25.77
N ALA B 225 21.33 -7.19 26.39
CA ALA B 225 20.23 -6.60 27.21
C ALA B 225 20.81 -5.64 28.26
N ASP B 226 21.91 -6.03 28.91
CA ASP B 226 22.59 -5.22 29.95
C ASP B 226 23.14 -3.94 29.30
N ALA B 227 23.84 -4.05 28.16
CA ALA B 227 24.42 -2.88 27.45
C ALA B 227 23.30 -1.91 27.08
N VAL B 228 22.19 -2.42 26.54
CA VAL B 228 21.09 -1.52 26.09
C VAL B 228 20.54 -0.78 27.31
N ASP B 229 20.29 -1.51 28.40
CA ASP B 229 19.82 -0.95 29.69
C ASP B 229 20.77 0.19 30.10
N LEU B 230 22.06 -0.10 30.17
CA LEU B 230 23.07 0.92 30.54
C LEU B 230 23.01 2.12 29.58
N VAL B 231 22.86 1.93 28.25
CA VAL B 231 22.95 3.06 27.27
C VAL B 231 21.69 3.93 27.38
N ILE B 232 20.55 3.31 27.57
CA ILE B 232 19.25 4.02 27.68
C ILE B 232 19.28 4.95 28.90
N ASN B 233 19.87 4.47 30.00
CA ASN B 233 19.79 5.12 31.33
C ASN B 233 20.93 6.12 31.47
N ASN B 234 22.08 5.87 30.83
CA ASN B 234 23.32 6.65 31.08
C ASN B 234 23.88 7.29 29.80
N GLY B 235 23.40 6.91 28.63
CA GLY B 235 24.05 7.29 27.35
C GLY B 235 23.88 8.77 27.11
N VAL B 236 24.77 9.37 26.33
CA VAL B 236 24.67 10.79 25.89
C VAL B 236 23.69 10.88 24.70
N ILE B 237 22.66 11.71 24.80
CA ILE B 237 21.65 11.85 23.72
C ILE B 237 22.34 12.34 22.44
N GLY B 238 22.04 11.71 21.30
CA GLY B 238 22.60 12.08 19.99
C GLY B 238 23.78 11.20 19.60
N GLU B 239 24.32 10.41 20.53
CA GLU B 239 25.60 9.67 20.30
C GLU B 239 25.32 8.25 19.84
N THR B 240 26.36 7.58 19.34
CA THR B 240 26.28 6.16 18.94
C THR B 240 27.21 5.37 19.84
N TYR B 241 26.75 4.21 20.26
CA TYR B 241 27.50 3.28 21.14
C TYR B 241 27.66 1.96 20.41
N ASN B 242 28.90 1.54 20.21
CA ASN B 242 29.27 0.19 19.74
C ASN B 242 29.26 -0.77 20.94
N ILE B 243 28.58 -1.91 20.79
CA ILE B 243 28.51 -3.02 21.78
C ILE B 243 29.20 -4.23 21.13
N GLY B 244 30.52 -4.15 21.02
CA GLY B 244 31.37 -5.16 20.35
C GLY B 244 32.01 -6.07 21.38
N VAL B 245 32.33 -7.29 20.97
CA VAL B 245 33.20 -8.22 21.74
C VAL B 245 34.23 -8.77 20.76
N THR B 246 35.29 -9.35 21.31
CA THR B 246 36.31 -10.14 20.59
C THR B 246 35.96 -11.61 20.77
N ASN B 247 35.28 -12.20 19.80
CA ASN B 247 34.77 -13.59 19.89
C ASN B 247 34.45 -14.04 18.47
N GLU B 248 35.49 -14.10 17.63
CA GLU B 248 35.37 -14.22 16.16
C GLU B 248 35.54 -15.69 15.77
N HIS B 249 34.60 -16.23 15.00
CA HIS B 249 34.51 -17.65 14.59
C HIS B 249 34.03 -17.67 13.14
N SER B 250 34.64 -18.49 12.29
CA SER B 250 34.05 -18.81 10.98
C SER B 250 32.82 -19.71 11.18
N VAL B 251 32.05 -19.90 10.11
CA VAL B 251 30.89 -20.83 10.09
C VAL B 251 31.38 -22.25 10.46
N LEU B 252 32.53 -22.70 9.93
CA LEU B 252 33.07 -24.07 10.15
C LEU B 252 33.54 -24.18 11.59
N ASP B 253 34.17 -23.12 12.13
CA ASP B 253 34.55 -23.05 13.56
C ASP B 253 33.29 -23.32 14.40
N VAL B 254 32.14 -22.75 14.03
CA VAL B 254 30.91 -22.87 14.88
C VAL B 254 30.40 -24.30 14.77
N ALA B 255 30.33 -24.84 13.56
CA ALA B 255 29.94 -26.23 13.27
C ALA B 255 30.79 -27.18 14.12
N GLN B 256 32.11 -26.94 14.20
CA GLN B 256 33.03 -27.80 14.97
C GLN B 256 32.62 -27.79 16.44
N ILE B 257 32.40 -26.61 17.02
CA ILE B 257 32.06 -26.48 18.46
C ILE B 257 30.74 -27.22 18.71
N LEU B 258 29.71 -26.99 17.89
CA LEU B 258 28.36 -27.57 18.14
C LEU B 258 28.40 -29.10 17.96
N CYS B 259 29.19 -29.61 17.02
CA CYS B 259 29.38 -31.07 16.77
C CYS B 259 30.06 -31.70 18.01
N ASP B 260 31.15 -31.07 18.49
CA ASP B 260 31.82 -31.43 19.77
C ASP B 260 30.81 -31.49 20.92
N ILE B 261 29.98 -30.46 21.11
CA ILE B 261 28.96 -30.40 22.20
C ILE B 261 27.92 -31.51 21.99
N ALA B 262 27.65 -31.90 20.74
CA ALA B 262 26.56 -32.84 20.39
C ALA B 262 27.05 -34.30 20.49
N GLY B 263 28.36 -34.52 20.63
CA GLY B 263 28.98 -35.85 20.70
C GLY B 263 28.99 -36.57 19.36
N VAL B 264 29.15 -35.82 18.26
CA VAL B 264 29.11 -36.34 16.86
C VAL B 264 30.32 -35.78 16.09
N ASN B 265 30.75 -36.44 15.02
CA ASN B 265 31.95 -36.04 14.23
C ASN B 265 31.54 -34.96 13.22
N LEU B 266 32.37 -33.92 13.07
CA LEU B 266 32.13 -32.81 12.11
C LEU B 266 31.97 -33.38 10.70
N GLU B 267 32.96 -34.16 10.24
CA GLU B 267 32.91 -34.84 8.91
C GLU B 267 31.80 -35.90 8.95
N ASN B 268 30.87 -35.79 8.01
CA ASN B 268 29.64 -36.62 7.85
C ASN B 268 28.46 -35.90 8.50
N GLN B 269 28.69 -34.72 9.09
CA GLN B 269 27.60 -33.80 9.52
C GLN B 269 27.41 -32.66 8.51
N LEU B 270 28.45 -32.36 7.71
CA LEU B 270 28.47 -31.20 6.79
C LEU B 270 27.96 -31.59 5.41
N GLU B 271 26.92 -30.87 4.95
CA GLU B 271 26.42 -30.85 3.57
C GLU B 271 26.67 -29.44 2.98
N TYR B 272 27.36 -29.37 1.83
CA TYR B 272 27.75 -28.10 1.18
C TYR B 272 26.66 -27.68 0.22
N VAL B 273 26.35 -26.38 0.25
CA VAL B 273 25.10 -25.80 -0.28
C VAL B 273 25.49 -24.48 -0.94
N PRO B 274 24.74 -23.95 -1.90
CA PRO B 274 25.16 -22.74 -2.62
C PRO B 274 25.41 -21.53 -1.71
N ASP B 275 26.45 -20.76 -2.02
CA ASP B 275 26.80 -19.49 -1.33
C ASP B 275 25.64 -18.49 -1.49
N ARG B 276 25.51 -17.57 -0.55
CA ARG B 276 24.72 -16.33 -0.76
C ARG B 276 25.34 -15.57 -1.94
N LEU B 277 24.49 -14.85 -2.69
CA LEU B 277 24.88 -14.11 -3.91
C LEU B 277 25.51 -12.76 -3.56
N PHE B 278 25.62 -12.38 -2.28
CA PHE B 278 26.01 -10.99 -1.93
C PHE B 278 27.27 -10.97 -1.07
N ASN B 279 27.91 -9.81 -1.06
CA ASN B 279 29.15 -9.48 -0.31
C ASN B 279 28.81 -9.24 1.17
N ASP B 280 29.33 -10.08 2.06
CA ASP B 280 28.84 -10.24 3.45
C ASP B 280 30.00 -9.99 4.44
N PHE B 281 30.23 -8.72 4.78
CA PHE B 281 31.42 -8.15 5.48
C PHE B 281 30.96 -7.57 6.82
N ARG B 282 31.37 -8.14 7.96
CA ARG B 282 31.09 -7.53 9.30
C ARG B 282 32.33 -6.83 9.82
N TYR B 283 32.12 -5.70 10.49
CA TYR B 283 33.21 -4.86 11.02
C TYR B 283 33.47 -5.28 12.45
N ASN B 284 34.75 -5.30 12.82
CA ASN B 284 35.12 -5.33 14.26
CA ASN B 284 35.15 -5.31 14.26
C ASN B 284 34.80 -3.93 14.78
N ILE B 285 33.93 -3.87 15.77
CA ILE B 285 33.53 -2.60 16.40
C ILE B 285 34.14 -2.65 17.80
N THR B 286 34.65 -1.53 18.28
CA THR B 286 35.29 -1.42 19.61
C THR B 286 34.19 -1.37 20.67
N ASN B 287 34.56 -1.52 21.94
CA ASN B 287 33.59 -1.47 23.06
C ASN B 287 34.10 -0.52 24.15
N ASP B 288 35.01 0.39 23.84
CA ASP B 288 35.64 1.30 24.84
C ASP B 288 34.62 2.28 25.44
N LYS B 289 33.77 2.90 24.63
CA LYS B 289 32.78 3.92 25.07
C LYS B 289 31.78 3.31 26.06
N ILE B 290 31.28 2.11 25.75
CA ILE B 290 30.27 1.39 26.55
C ILE B 290 30.94 0.87 27.85
N LYS B 291 32.21 0.49 27.80
CA LYS B 291 33.01 0.13 29.01
C LYS B 291 33.14 1.37 29.89
N SER B 292 33.36 2.57 29.34
CA SER B 292 33.47 3.82 30.13
C SER B 292 32.15 4.10 30.84
N LEU B 293 31.02 3.62 30.33
CA LEU B 293 29.69 3.70 31.01
C LEU B 293 29.60 2.69 32.14
N GLY B 294 30.50 1.71 32.20
CA GLY B 294 30.51 0.72 33.28
C GLY B 294 30.08 -0.65 32.81
N TRP B 295 29.83 -0.83 31.51
CA TRP B 295 29.46 -2.16 30.94
C TRP B 295 30.66 -3.11 31.01
N GLU B 296 30.41 -4.35 31.40
CA GLU B 296 31.40 -5.45 31.38
C GLU B 296 30.73 -6.67 30.74
N GLN B 297 31.39 -7.27 29.75
CA GLN B 297 30.99 -8.56 29.14
C GLN B 297 31.00 -9.61 30.26
N SER B 298 29.84 -10.17 30.62
CA SER B 298 29.70 -11.16 31.72
C SER B 298 29.68 -12.60 31.20
N ARG B 299 29.44 -12.82 29.90
CA ARG B 299 29.43 -14.19 29.31
C ARG B 299 30.60 -14.26 28.31
N LYS B 300 31.77 -14.69 28.77
CA LYS B 300 33.05 -14.65 27.99
C LYS B 300 33.39 -16.05 27.48
N ASP B 301 32.80 -17.09 28.03
CA ASP B 301 33.21 -18.49 27.75
C ASP B 301 32.20 -19.05 26.76
N PHE B 302 32.49 -18.85 25.49
CA PHE B 302 31.59 -19.11 24.34
C PHE B 302 31.15 -20.57 24.36
N LYS B 303 32.13 -21.48 24.44
CA LYS B 303 31.98 -22.96 24.55
C LYS B 303 30.97 -23.30 25.64
N LYS B 304 31.18 -22.79 26.85
CA LYS B 304 30.32 -23.04 28.02
C LYS B 304 28.90 -22.51 27.76
N GLU B 305 28.77 -21.32 27.16
CA GLU B 305 27.41 -20.74 26.91
C GLU B 305 26.67 -21.60 25.88
N LEU B 306 27.38 -22.10 24.85
CA LEU B 306 26.73 -22.92 23.77
C LEU B 306 26.31 -24.29 24.31
N VAL B 307 27.07 -24.88 25.24
CA VAL B 307 26.67 -26.13 25.96
C VAL B 307 25.28 -25.88 26.56
N GLU B 308 25.12 -24.81 27.34
CA GLU B 308 23.86 -24.47 28.04
C GLU B 308 22.76 -24.25 26.99
N LEU B 309 23.07 -23.53 25.91
CA LEU B 309 22.05 -23.13 24.90
C LEU B 309 21.60 -24.36 24.12
N PHE B 310 22.55 -25.24 23.80
CA PHE B 310 22.28 -26.54 23.15
C PHE B 310 21.17 -27.24 23.95
N ASP B 311 21.36 -27.32 25.26
CA ASP B 311 20.40 -27.99 26.17
C ASP B 311 19.11 -27.17 26.21
N TRP B 312 19.18 -25.84 26.21
CA TRP B 312 17.96 -24.98 26.17
C TRP B 312 17.09 -25.27 24.94
N TYR B 313 17.69 -25.39 23.75
CA TYR B 313 16.95 -25.72 22.51
C TYR B 313 16.41 -27.16 22.61
N LYS B 314 17.18 -28.08 23.23
CA LYS B 314 16.74 -29.48 23.36
C LYS B 314 15.36 -29.49 24.03
N VAL B 315 15.19 -28.64 25.06
CA VAL B 315 13.94 -28.54 25.86
C VAL B 315 12.89 -27.69 25.16
N ASN B 316 13.28 -26.62 24.45
CA ASN B 316 12.38 -25.51 24.11
C ASN B 316 12.12 -25.35 22.60
N ARG B 317 12.83 -26.03 21.69
CA ARG B 317 12.76 -25.74 20.23
C ARG B 317 11.36 -26.00 19.65
N HIS B 318 10.63 -27.00 20.18
CA HIS B 318 9.22 -27.31 19.79
C HIS B 318 8.38 -26.02 19.78
N ARG B 319 8.76 -25.01 20.57
CA ARG B 319 8.10 -23.67 20.56
C ARG B 319 8.05 -23.03 19.14
N TYR B 320 8.97 -23.38 18.23
CA TYR B 320 9.12 -22.72 16.91
C TYR B 320 8.72 -23.65 15.77
N MET C 4 -12.48 -10.25 -32.45
CA MET C 4 -11.31 -10.32 -31.51
C MET C 4 -10.01 -10.41 -32.31
N LYS C 5 -9.11 -9.44 -32.15
CA LYS C 5 -7.74 -9.48 -32.72
C LYS C 5 -6.72 -9.50 -31.59
N ASN C 6 -6.84 -8.58 -30.64
CA ASN C 6 -5.93 -8.45 -29.47
C ASN C 6 -6.75 -8.51 -28.17
N ILE C 7 -6.61 -9.61 -27.44
CA ILE C 7 -7.40 -9.81 -26.20
C ILE C 7 -6.48 -9.95 -24.99
N LEU C 8 -6.95 -9.45 -23.85
CA LEU C 8 -6.27 -9.48 -22.56
C LEU C 8 -7.09 -10.40 -21.66
N VAL C 9 -6.50 -11.55 -21.32
CA VAL C 9 -7.15 -12.58 -20.47
C VAL C 9 -6.56 -12.49 -19.06
N THR C 10 -7.27 -11.85 -18.15
CA THR C 10 -6.81 -11.82 -16.73
C THR C 10 -6.97 -13.23 -16.15
N GLY C 11 -6.07 -13.66 -15.28
CA GLY C 11 -6.15 -15.00 -14.67
C GLY C 11 -5.85 -16.08 -15.70
N GLY C 12 -5.20 -15.72 -16.81
CA GLY C 12 -4.92 -16.64 -17.95
C GLY C 12 -4.01 -17.83 -17.61
N LEU C 13 -3.26 -17.81 -16.49
CA LEU C 13 -2.42 -18.96 -16.06
C LEU C 13 -3.23 -19.91 -15.16
N GLY C 14 -4.40 -19.46 -14.73
CA GLY C 14 -5.27 -20.21 -13.81
C GLY C 14 -6.02 -21.30 -14.52
N PHE C 15 -6.88 -21.99 -13.79
CA PHE C 15 -7.61 -23.18 -14.28
C PHE C 15 -8.50 -22.81 -15.47
N ILE C 16 -9.53 -21.98 -15.26
CA ILE C 16 -10.54 -21.65 -16.31
C ILE C 16 -9.86 -20.82 -17.39
N GLY C 17 -9.07 -19.82 -16.96
CA GLY C 17 -8.31 -18.93 -17.84
C GLY C 17 -7.47 -19.72 -18.82
N SER C 18 -6.68 -20.69 -18.35
CA SER C 18 -5.76 -21.44 -19.22
C SER C 18 -6.55 -22.30 -20.23
N ASN C 19 -7.65 -22.88 -19.80
CA ASN C 19 -8.52 -23.70 -20.70
C ASN C 19 -9.08 -22.80 -21.78
N PHE C 20 -9.49 -21.59 -21.40
CA PHE C 20 -10.02 -20.60 -22.35
C PHE C 20 -8.93 -20.20 -23.35
N VAL C 21 -7.74 -19.89 -22.83
CA VAL C 21 -6.59 -19.44 -23.67
C VAL C 21 -6.30 -20.51 -24.73
N ASN C 22 -6.18 -21.77 -24.30
CA ASN C 22 -5.82 -22.91 -25.19
C ASN C 22 -6.95 -23.14 -26.21
N HIS C 23 -8.22 -22.96 -25.82
CA HIS C 23 -9.37 -23.06 -26.75
C HIS C 23 -9.21 -22.00 -27.86
N ILE C 24 -9.00 -20.73 -27.52
CA ILE C 24 -8.91 -19.61 -28.51
C ILE C 24 -7.68 -19.82 -29.39
N SER C 25 -6.51 -20.04 -28.79
CA SER C 25 -5.23 -20.08 -29.53
C SER C 25 -5.37 -21.19 -30.59
N SER C 26 -5.99 -22.30 -30.23
CA SER C 26 -6.22 -23.46 -31.13
C SER C 26 -7.24 -23.12 -32.22
N LYS C 27 -8.37 -22.49 -31.88
CA LYS C 27 -9.51 -22.28 -32.82
C LYS C 27 -9.27 -21.09 -33.76
N TYR C 28 -8.69 -19.97 -33.29
CA TYR C 28 -8.51 -18.71 -34.06
C TYR C 28 -7.01 -18.42 -34.24
N ASP C 29 -6.43 -18.74 -35.40
CA ASP C 29 -4.96 -18.66 -35.61
C ASP C 29 -4.52 -17.18 -35.70
N ASN C 30 -5.48 -16.25 -35.88
CA ASN C 30 -5.21 -14.80 -36.07
C ASN C 30 -5.12 -14.05 -34.73
N VAL C 31 -5.68 -14.57 -33.63
CA VAL C 31 -5.91 -13.80 -32.37
C VAL C 31 -4.60 -13.63 -31.58
N ASN C 32 -4.23 -12.40 -31.24
CA ASN C 32 -3.16 -12.12 -30.24
C ASN C 32 -3.79 -12.25 -28.86
N ILE C 33 -3.23 -13.11 -28.01
CA ILE C 33 -3.69 -13.34 -26.61
C ILE C 33 -2.60 -12.86 -25.64
N TYR C 34 -2.96 -11.88 -24.81
CA TYR C 34 -2.08 -11.42 -23.73
C TYR C 34 -2.59 -12.03 -22.42
N VAL C 35 -1.90 -13.07 -21.93
CA VAL C 35 -2.22 -13.68 -20.60
C VAL C 35 -1.71 -12.72 -19.54
N TYR C 36 -2.59 -12.24 -18.69
CA TYR C 36 -2.29 -11.24 -17.64
C TYR C 36 -2.54 -11.90 -16.29
N ASP C 37 -1.49 -12.16 -15.52
CA ASP C 37 -1.64 -13.03 -14.32
C ASP C 37 -0.52 -12.73 -13.33
N ILE C 38 -0.86 -12.72 -12.06
CA ILE C 38 0.05 -12.40 -10.92
C ILE C 38 0.94 -13.62 -10.65
N GLY C 39 0.48 -14.81 -11.03
CA GLY C 39 1.26 -16.05 -10.88
C GLY C 39 1.37 -16.50 -9.42
N ASP C 40 0.27 -16.56 -8.68
CA ASP C 40 0.28 -17.18 -7.32
C ASP C 40 0.25 -18.72 -7.47
N TYR C 41 0.17 -19.45 -6.36
CA TYR C 41 0.54 -20.90 -6.29
C TYR C 41 -0.40 -21.76 -7.13
N CYS C 42 -1.64 -21.32 -7.41
CA CYS C 42 -2.67 -22.10 -8.17
C CYS C 42 -2.57 -21.83 -9.69
N ALA C 43 -1.57 -21.05 -10.10
CA ALA C 43 -1.31 -20.69 -11.51
C ALA C 43 -0.13 -21.54 -12.00
N SER C 44 -0.03 -21.78 -13.30
CA SER C 44 1.16 -22.45 -13.88
C SER C 44 1.31 -22.10 -15.36
N VAL C 45 2.50 -21.61 -15.71
CA VAL C 45 2.99 -21.42 -17.09
C VAL C 45 2.77 -22.71 -17.89
N GLU C 46 2.81 -23.88 -17.25
CA GLU C 46 2.65 -25.19 -17.96
C GLU C 46 1.16 -25.43 -18.27
N ASN C 47 0.23 -24.68 -17.71
CA ASN C 47 -1.22 -24.83 -18.07
C ASN C 47 -1.48 -24.32 -19.50
N VAL C 48 -0.64 -23.42 -20.00
CA VAL C 48 -0.87 -22.72 -21.29
C VAL C 48 0.01 -23.34 -22.41
N GLU C 49 -0.58 -23.63 -23.57
CA GLU C 49 0.16 -24.06 -24.80
C GLU C 49 0.70 -22.79 -25.46
N TRP C 50 1.96 -22.43 -25.19
CA TRP C 50 2.54 -21.15 -25.68
C TRP C 50 2.83 -21.28 -27.18
N ASN C 51 2.52 -20.23 -27.92
CA ASN C 51 2.78 -20.16 -29.38
C ASN C 51 3.16 -18.71 -29.68
N ASN C 52 3.21 -18.35 -30.95
CA ASN C 52 3.58 -16.97 -31.43
C ASN C 52 2.50 -15.96 -31.06
N ARG C 53 1.26 -16.41 -30.82
CA ARG C 53 0.07 -15.53 -30.66
C ARG C 53 -0.19 -15.25 -29.19
N THR C 54 0.48 -15.98 -28.29
CA THR C 54 0.19 -15.98 -26.83
C THR C 54 1.38 -15.46 -26.05
N LYS C 55 1.21 -14.31 -25.40
CA LYS C 55 2.25 -13.65 -24.59
C LYS C 55 1.79 -13.64 -23.13
N LEU C 56 2.75 -13.65 -22.21
CA LEU C 56 2.56 -13.51 -20.74
C LEU C 56 2.94 -12.10 -20.30
N ILE C 57 2.03 -11.47 -19.57
CA ILE C 57 2.36 -10.25 -18.78
C ILE C 57 2.10 -10.55 -17.30
N LYS C 58 3.15 -10.45 -16.51
CA LYS C 58 3.12 -10.65 -15.05
C LYS C 58 2.58 -9.36 -14.44
N GLY C 59 1.48 -9.45 -13.69
CA GLY C 59 0.90 -8.26 -13.04
C GLY C 59 -0.42 -8.54 -12.34
N ASP C 60 -0.76 -7.63 -11.44
CA ASP C 60 -2.01 -7.65 -10.62
C ASP C 60 -3.08 -6.84 -11.36
N ILE C 61 -4.32 -7.31 -11.38
CA ILE C 61 -5.43 -6.53 -11.99
C ILE C 61 -5.56 -5.20 -11.26
N ARG C 62 -4.99 -5.03 -10.06
CA ARG C 62 -5.04 -3.71 -9.40
C ARG C 62 -3.98 -2.75 -9.95
N ASN C 63 -3.10 -3.19 -10.86
CA ASN C 63 -2.00 -2.37 -11.41
C ASN C 63 -2.55 -1.47 -12.54
N PHE C 64 -3.20 -0.38 -12.20
CA PHE C 64 -3.82 0.61 -13.11
C PHE C 64 -2.86 0.94 -14.27
N ASP C 65 -1.61 1.29 -13.94
CA ASP C 65 -0.64 1.86 -14.91
C ASP C 65 -0.16 0.78 -15.88
N LEU C 66 0.00 -0.46 -15.41
CA LEU C 66 0.43 -1.58 -16.26
C LEU C 66 -0.75 -1.99 -17.14
N ILE C 67 -1.95 -2.03 -16.58
CA ILE C 67 -3.14 -2.30 -17.43
C ILE C 67 -3.27 -1.22 -18.50
N MET C 68 -3.21 0.06 -18.14
CA MET C 68 -3.38 1.18 -19.10
C MET C 68 -2.31 1.10 -20.19
N HIS C 69 -1.06 0.82 -19.83
CA HIS C 69 0.07 0.59 -20.77
C HIS C 69 -0.23 -0.56 -21.72
N THR C 70 -0.78 -1.65 -21.18
CA THR C 70 -1.09 -2.87 -21.97
C THR C 70 -2.22 -2.55 -22.96
N LEU C 71 -3.32 -1.94 -22.50
CA LEU C 71 -4.50 -1.70 -23.37
C LEU C 71 -4.05 -0.84 -24.56
N THR C 72 -3.33 0.26 -24.30
CA THR C 72 -2.95 1.26 -25.31
C THR C 72 -1.88 0.63 -26.23
N GLU C 73 -0.83 0.03 -25.68
CA GLU C 73 0.32 -0.51 -26.49
C GLU C 73 -0.08 -1.72 -27.33
N HIS C 74 -0.96 -2.58 -26.83
CA HIS C 74 -1.33 -3.82 -27.57
C HIS C 74 -2.68 -3.65 -28.27
N GLU C 75 -3.22 -2.42 -28.29
CA GLU C 75 -4.49 -2.04 -28.95
C GLU C 75 -5.53 -3.10 -28.60
N ILE C 76 -5.73 -3.34 -27.30
CA ILE C 76 -6.64 -4.42 -26.84
C ILE C 76 -8.06 -4.08 -27.26
N ASP C 77 -8.77 -5.03 -27.84
CA ASP C 77 -10.21 -4.86 -28.16
C ASP C 77 -11.10 -5.58 -27.14
N THR C 78 -10.62 -6.62 -26.45
CA THR C 78 -11.44 -7.45 -25.52
C THR C 78 -10.67 -7.79 -24.24
N ILE C 79 -11.26 -7.51 -23.08
CA ILE C 79 -10.80 -8.04 -21.77
C ILE C 79 -11.70 -9.26 -21.47
N VAL C 80 -11.10 -10.41 -21.26
CA VAL C 80 -11.76 -11.61 -20.70
C VAL C 80 -11.25 -11.75 -19.26
N HIS C 81 -12.08 -11.40 -18.27
CA HIS C 81 -11.70 -11.25 -16.84
C HIS C 81 -12.01 -12.52 -16.03
N PHE C 82 -11.03 -13.37 -15.82
CA PHE C 82 -11.14 -14.58 -14.98
C PHE C 82 -10.45 -14.41 -13.63
N ALA C 83 -9.72 -13.32 -13.37
CA ALA C 83 -8.83 -13.25 -12.19
C ALA C 83 -9.65 -12.93 -10.93
N ALA C 84 -10.46 -13.88 -10.48
CA ALA C 84 -11.24 -13.75 -9.23
C ALA C 84 -10.42 -14.41 -8.14
N HIS C 85 -10.63 -14.05 -6.88
CA HIS C 85 -9.86 -14.65 -5.77
C HIS C 85 -10.40 -16.07 -5.58
N SER C 86 -9.57 -17.02 -5.17
CA SER C 86 -9.99 -18.46 -5.12
C SER C 86 -10.04 -18.96 -3.68
N HIS C 87 -8.94 -18.77 -2.92
CA HIS C 87 -8.64 -19.48 -1.65
C HIS C 87 -9.67 -19.13 -0.56
N VAL C 88 -10.55 -20.08 -0.27
CA VAL C 88 -11.45 -20.05 0.92
C VAL C 88 -10.74 -20.80 2.04
N ASP C 89 -10.76 -20.25 3.25
CA ASP C 89 -10.33 -20.95 4.50
C ASP C 89 -11.04 -20.26 5.67
N ASN C 90 -10.89 -20.79 6.90
CA ASN C 90 -11.61 -20.27 8.09
C ASN C 90 -10.76 -19.21 8.81
N SER C 91 -9.65 -18.74 8.22
CA SER C 91 -8.71 -17.75 8.81
C SER C 91 -9.35 -16.35 8.81
N PHE C 92 -9.13 -15.56 9.87
CA PHE C 92 -9.47 -14.09 9.89
C PHE C 92 -8.77 -13.39 8.72
N LYS C 93 -9.46 -12.39 8.13
CA LYS C 93 -9.04 -11.60 6.93
C LYS C 93 -9.27 -12.40 5.64
N ASN C 94 -9.74 -13.65 5.72
CA ASN C 94 -9.78 -14.51 4.51
C ASN C 94 -10.64 -13.75 3.50
N SER C 95 -11.84 -13.34 3.91
CA SER C 95 -12.83 -12.73 2.99
C SER C 95 -12.33 -11.33 2.52
N LEU C 96 -11.47 -10.64 3.26
CA LEU C 96 -10.99 -9.27 2.90
C LEU C 96 -10.22 -9.32 1.57
N ALA C 97 -9.43 -10.37 1.35
CA ALA C 97 -8.68 -10.60 0.08
C ALA C 97 -9.68 -10.78 -1.07
N PHE C 98 -10.89 -11.29 -0.81
CA PHE C 98 -11.97 -11.40 -1.83
C PHE C 98 -12.43 -10.00 -2.22
N THR C 99 -12.57 -9.06 -1.27
CA THR C 99 -12.98 -7.68 -1.62
C THR C 99 -11.88 -7.01 -2.45
N GLU C 100 -10.63 -7.16 -2.02
CA GLU C 100 -9.48 -6.52 -2.70
C GLU C 100 -9.42 -6.95 -4.17
N THR C 101 -9.57 -8.23 -4.49
CA THR C 101 -9.40 -8.76 -5.86
C THR C 101 -10.71 -8.62 -6.62
N ASN C 102 -11.80 -9.12 -6.05
CA ASN C 102 -13.05 -9.36 -6.82
C ASN C 102 -13.73 -8.02 -7.04
N VAL C 103 -13.77 -7.17 -6.01
CA VAL C 103 -14.48 -5.87 -6.09
C VAL C 103 -13.50 -4.80 -6.55
N PHE C 104 -12.50 -4.43 -5.76
CA PHE C 104 -11.55 -3.36 -6.12
C PHE C 104 -10.82 -3.69 -7.44
N GLY C 105 -10.31 -4.90 -7.59
CA GLY C 105 -9.52 -5.29 -8.77
C GLY C 105 -10.33 -5.22 -10.05
N THR C 106 -11.55 -5.78 -10.02
CA THR C 106 -12.51 -5.68 -11.15
C THR C 106 -12.76 -4.19 -11.41
N HIS C 107 -12.97 -3.40 -10.36
CA HIS C 107 -13.21 -1.93 -10.51
C HIS C 107 -12.02 -1.27 -11.24
N VAL C 108 -10.79 -1.61 -10.85
CA VAL C 108 -9.59 -1.03 -11.53
C VAL C 108 -9.66 -1.35 -13.01
N LEU C 109 -9.96 -2.59 -13.38
CA LEU C 109 -10.07 -3.01 -14.79
C LEU C 109 -11.14 -2.19 -15.50
N LEU C 110 -12.28 -2.00 -14.86
CA LEU C 110 -13.42 -1.22 -15.43
C LEU C 110 -13.01 0.24 -15.61
N GLU C 111 -12.36 0.87 -14.61
CA GLU C 111 -11.94 2.30 -14.68
C GLU C 111 -10.88 2.46 -15.77
N CYS C 112 -9.88 1.58 -15.80
CA CYS C 112 -8.89 1.53 -16.91
C CYS C 112 -9.60 1.47 -18.26
N SER C 113 -10.50 0.50 -18.44
CA SER C 113 -11.25 0.30 -19.70
C SER C 113 -12.00 1.57 -20.10
N ARG C 114 -12.66 2.23 -19.17
CA ARG C 114 -13.39 3.49 -19.47
C ARG C 114 -12.39 4.60 -19.86
N MET C 115 -11.21 4.66 -19.23
CA MET C 115 -10.24 5.73 -19.56
C MET C 115 -9.59 5.45 -20.92
N TYR C 116 -9.38 4.17 -21.26
CA TYR C 116 -8.82 3.73 -22.55
C TYR C 116 -9.80 4.10 -23.67
N GLY C 117 -11.08 3.83 -23.42
CA GLY C 117 -12.22 4.26 -24.26
C GLY C 117 -12.37 3.50 -25.57
N LYS C 118 -11.54 2.49 -25.87
CA LYS C 118 -11.49 1.83 -27.21
C LYS C 118 -11.76 0.33 -27.14
N LEU C 119 -12.28 -0.16 -26.02
CA LEU C 119 -12.59 -1.59 -25.84
C LEU C 119 -13.86 -1.92 -26.63
N LYS C 120 -13.86 -3.04 -27.35
CA LYS C 120 -15.06 -3.60 -28.03
C LYS C 120 -15.89 -4.43 -27.03
N LEU C 121 -15.26 -5.07 -26.04
CA LEU C 121 -16.01 -5.87 -25.03
C LEU C 121 -15.18 -6.06 -23.76
N PHE C 122 -15.86 -5.91 -22.63
CA PHE C 122 -15.37 -6.29 -21.29
C PHE C 122 -16.19 -7.48 -20.81
N PHE C 123 -15.58 -8.66 -20.83
CA PHE C 123 -16.27 -9.91 -20.41
C PHE C 123 -15.91 -10.21 -18.97
N HIS C 124 -16.92 -10.18 -18.10
CA HIS C 124 -16.76 -10.46 -16.64
C HIS C 124 -17.24 -11.87 -16.32
N MET C 125 -16.34 -12.71 -15.81
CA MET C 125 -16.69 -14.08 -15.35
C MET C 125 -17.11 -14.03 -13.88
N SER C 126 -18.29 -14.56 -13.58
CA SER C 126 -18.88 -14.61 -12.23
C SER C 126 -19.28 -16.07 -11.99
N THR C 127 -20.04 -16.34 -10.93
CA THR C 127 -20.43 -17.70 -10.49
C THR C 127 -21.91 -17.77 -10.08
N ASP C 128 -22.36 -19.01 -9.86
CA ASP C 128 -23.73 -19.33 -9.39
C ASP C 128 -23.85 -19.00 -7.89
N GLU C 129 -22.89 -18.29 -7.28
CA GLU C 129 -23.03 -17.72 -5.92
C GLU C 129 -23.93 -16.46 -5.98
N VAL C 130 -24.10 -15.90 -7.18
CA VAL C 130 -24.87 -14.67 -7.47
C VAL C 130 -26.05 -15.09 -8.35
N TYR C 131 -27.26 -14.62 -8.03
CA TYR C 131 -28.47 -14.90 -8.86
C TYR C 131 -29.29 -13.63 -8.97
N GLY C 132 -29.79 -13.37 -10.18
CA GLY C 132 -30.50 -12.13 -10.53
C GLY C 132 -31.90 -12.41 -11.03
N GLU C 133 -32.89 -11.81 -10.38
CA GLU C 133 -34.33 -11.83 -10.78
C GLU C 133 -34.46 -11.20 -12.18
N ILE C 134 -35.05 -11.95 -13.12
CA ILE C 134 -35.10 -11.62 -14.58
C ILE C 134 -36.02 -10.41 -14.80
N ARG C 141 -33.36 -8.93 -19.58
CA ARG C 141 -32.75 -7.92 -18.68
C ARG C 141 -32.94 -8.35 -17.21
N GLU C 142 -31.99 -7.99 -16.35
CA GLU C 142 -31.99 -8.24 -14.88
C GLU C 142 -32.43 -6.99 -14.11
N VAL C 143 -33.15 -7.13 -12.99
CA VAL C 143 -33.68 -5.99 -12.17
C VAL C 143 -32.95 -5.93 -10.83
N SER C 144 -32.52 -7.07 -10.29
CA SER C 144 -32.00 -7.20 -8.91
C SER C 144 -31.06 -8.41 -8.73
N LEU C 145 -30.24 -8.40 -7.68
CA LEU C 145 -29.44 -9.56 -7.23
C LEU C 145 -29.95 -9.93 -5.85
N LEU C 146 -30.23 -11.21 -5.61
CA LEU C 146 -30.67 -11.69 -4.28
C LEU C 146 -29.56 -11.41 -3.26
N CYS C 147 -29.96 -11.21 -2.01
CA CYS C 147 -29.09 -10.96 -0.85
C CYS C 147 -28.22 -12.20 -0.63
N PRO C 148 -26.88 -12.07 -0.75
CA PRO C 148 -25.96 -13.17 -0.48
C PRO C 148 -25.91 -13.48 1.03
N THR C 149 -25.61 -14.73 1.40
CA THR C 149 -25.68 -15.25 2.78
C THR C 149 -24.29 -15.28 3.43
N ASN C 150 -23.24 -14.99 2.66
CA ASN C 150 -21.85 -15.00 3.16
C ASN C 150 -21.06 -13.91 2.44
N PRO C 151 -19.97 -13.39 3.06
CA PRO C 151 -19.25 -12.27 2.47
C PRO C 151 -18.47 -12.63 1.20
N TYR C 152 -18.17 -13.92 0.96
CA TYR C 152 -17.45 -14.35 -0.28
C TYR C 152 -18.33 -14.12 -1.49
N ALA C 153 -19.58 -14.58 -1.39
CA ALA C 153 -20.64 -14.40 -2.40
C ALA C 153 -21.00 -12.91 -2.53
N ALA C 154 -21.01 -12.18 -1.42
CA ALA C 154 -21.32 -10.73 -1.39
C ALA C 154 -20.30 -9.96 -2.26
N THR C 155 -19.00 -10.29 -2.24
CA THR C 155 -17.97 -9.68 -3.14
C THR C 155 -18.31 -9.97 -4.59
N LYS C 156 -18.83 -11.15 -4.93
CA LYS C 156 -19.18 -11.52 -6.33
C LYS C 156 -20.34 -10.65 -6.82
N ALA C 157 -21.35 -10.48 -5.97
CA ALA C 157 -22.54 -9.64 -6.23
C ALA C 157 -22.09 -8.17 -6.35
N GLY C 158 -21.23 -7.72 -5.43
CA GLY C 158 -20.59 -6.38 -5.49
C GLY C 158 -19.96 -6.12 -6.85
N ALA C 159 -19.13 -7.06 -7.30
CA ALA C 159 -18.42 -6.96 -8.59
C ALA C 159 -19.46 -6.79 -9.69
N GLU C 160 -20.48 -7.67 -9.71
CA GLU C 160 -21.54 -7.60 -10.76
C GLU C 160 -22.19 -6.20 -10.80
N HIS C 161 -22.60 -5.63 -9.66
CA HIS C 161 -23.26 -4.30 -9.58
C HIS C 161 -22.35 -3.25 -10.24
N ILE C 162 -21.04 -3.27 -9.90
CA ILE C 162 -20.10 -2.26 -10.47
C ILE C 162 -19.98 -2.48 -11.98
N VAL C 163 -19.78 -3.73 -12.41
CA VAL C 163 -19.58 -4.02 -13.86
C VAL C 163 -20.79 -3.46 -14.63
N LYS C 164 -22.00 -3.80 -14.21
CA LYS C 164 -23.24 -3.44 -14.94
C LYS C 164 -23.35 -1.90 -14.98
N SER C 165 -22.97 -1.23 -13.90
CA SER C 165 -23.07 0.24 -13.72
C SER C 165 -22.21 0.99 -14.74
N TYR C 166 -21.11 0.38 -15.18
CA TYR C 166 -20.20 1.01 -16.17
C TYR C 166 -20.91 0.99 -17.53
N PHE C 167 -21.71 -0.04 -17.79
CA PHE C 167 -22.56 -0.11 -19.01
C PHE C 167 -23.64 0.98 -18.88
N LEU C 168 -24.33 1.00 -17.73
CA LEU C 168 -25.56 1.81 -17.54
C LEU C 168 -25.17 3.29 -17.54
N SER C 169 -24.01 3.67 -16.99
CA SER C 169 -23.57 5.09 -16.83
C SER C 169 -22.71 5.55 -18.01
N TYR C 170 -21.82 4.71 -18.54
CA TYR C 170 -20.77 5.16 -19.47
C TYR C 170 -20.82 4.38 -20.78
N LYS C 171 -21.74 3.44 -20.97
CA LYS C 171 -21.78 2.59 -22.20
C LYS C 171 -20.49 1.75 -22.33
N LEU C 172 -19.81 1.45 -21.23
CA LEU C 172 -18.76 0.43 -21.33
C LEU C 172 -19.41 -0.88 -21.77
N PRO C 173 -18.95 -1.48 -22.88
CA PRO C 173 -19.59 -2.66 -23.43
C PRO C 173 -19.31 -3.93 -22.61
N ILE C 174 -20.06 -4.15 -21.54
CA ILE C 174 -19.87 -5.33 -20.63
C ILE C 174 -20.78 -6.48 -21.08
N ILE C 175 -20.32 -7.71 -20.86
CA ILE C 175 -21.16 -8.92 -20.70
C ILE C 175 -20.68 -9.65 -19.43
N ILE C 176 -21.62 -10.09 -18.62
CA ILE C 176 -21.34 -10.96 -17.44
C ILE C 176 -21.76 -12.39 -17.79
N ALA C 177 -20.98 -13.40 -17.40
CA ALA C 177 -21.44 -14.81 -17.44
C ALA C 177 -21.35 -15.37 -16.03
N ARG C 178 -22.27 -16.25 -15.70
CA ARG C 178 -22.27 -16.97 -14.39
C ARG C 178 -22.11 -18.46 -14.69
N CYS C 179 -21.20 -19.07 -13.97
CA CYS C 179 -20.79 -20.47 -14.16
C CYS C 179 -21.10 -21.28 -12.90
N ASN C 180 -21.45 -22.55 -13.07
CA ASN C 180 -21.39 -23.60 -12.02
C ASN C 180 -19.92 -23.87 -11.68
N ASN C 181 -19.65 -24.78 -10.74
CA ASN C 181 -18.25 -25.19 -10.42
C ASN C 181 -17.66 -25.89 -11.64
N VAL C 182 -16.41 -25.55 -11.96
CA VAL C 182 -15.73 -26.05 -13.18
C VAL C 182 -14.82 -27.20 -12.75
N TYR C 183 -14.69 -28.21 -13.60
CA TYR C 183 -13.73 -29.32 -13.40
C TYR C 183 -13.10 -29.63 -14.75
N GLY C 184 -11.91 -30.22 -14.71
CA GLY C 184 -11.13 -30.52 -15.92
C GLY C 184 -9.65 -30.43 -15.64
N ARG C 185 -8.86 -30.30 -16.71
CA ARG C 185 -7.38 -30.34 -16.62
C ARG C 185 -6.90 -28.97 -16.14
N ASN C 186 -5.70 -28.93 -15.57
CA ASN C 186 -4.96 -27.68 -15.26
C ASN C 186 -5.50 -27.06 -13.96
N GLN C 187 -6.25 -27.83 -13.17
CA GLN C 187 -6.75 -27.30 -11.89
C GLN C 187 -5.77 -27.73 -10.80
N TYR C 188 -5.23 -26.75 -10.07
CA TYR C 188 -4.46 -26.98 -8.84
C TYR C 188 -5.32 -27.78 -7.86
N PRO C 189 -4.79 -28.86 -7.24
CA PRO C 189 -5.59 -29.70 -6.36
C PRO C 189 -5.89 -29.08 -4.99
N GLU C 190 -6.65 -27.99 -5.00
CA GLU C 190 -7.18 -27.32 -3.79
C GLU C 190 -8.71 -27.40 -3.82
N LYS C 191 -9.32 -27.43 -4.99
CA LYS C 191 -10.79 -27.58 -5.15
C LYS C 191 -11.14 -29.07 -5.04
N LEU C 192 -12.39 -29.40 -4.78
CA LEU C 192 -12.85 -30.72 -4.25
C LEU C 192 -12.34 -31.85 -5.15
N ILE C 193 -12.67 -31.78 -6.44
CA ILE C 193 -12.45 -32.88 -7.41
C ILE C 193 -10.95 -33.12 -7.56
N PRO C 194 -10.11 -32.13 -7.93
CA PRO C 194 -8.68 -32.42 -8.08
C PRO C 194 -8.01 -32.75 -6.74
N LYS C 195 -8.50 -32.23 -5.61
CA LYS C 195 -7.91 -32.54 -4.29
C LYS C 195 -8.15 -34.02 -3.98
N PHE C 196 -9.40 -34.48 -4.07
CA PHE C 196 -9.79 -35.87 -3.76
C PHE C 196 -9.14 -36.84 -4.77
N ILE C 197 -9.04 -36.47 -6.06
CA ILE C 197 -8.34 -37.35 -7.05
C ILE C 197 -6.88 -37.50 -6.62
N CYS C 198 -6.16 -36.40 -6.37
CA CYS C 198 -4.70 -36.42 -6.04
C CYS C 198 -4.46 -37.11 -4.70
N SER C 199 -5.38 -36.95 -3.74
CA SER C 199 -5.31 -37.65 -2.42
C SER C 199 -5.46 -39.14 -2.65
N LEU C 200 -6.40 -39.57 -3.51
CA LEU C 200 -6.59 -41.02 -3.79
C LEU C 200 -5.35 -41.57 -4.53
N LEU C 201 -4.73 -40.78 -5.40
CA LEU C 201 -3.52 -41.17 -6.18
C LEU C 201 -2.33 -41.28 -5.22
N ASP C 202 -2.24 -40.43 -4.19
CA ASP C 202 -1.10 -40.34 -3.25
C ASP C 202 -1.36 -41.24 -2.03
N GLY C 203 -2.54 -41.86 -1.94
CA GLY C 203 -2.93 -42.85 -0.91
C GLY C 203 -3.39 -42.21 0.40
N LYS C 204 -3.87 -40.97 0.36
CA LYS C 204 -4.19 -40.18 1.57
C LYS C 204 -5.71 -40.12 1.78
N LYS C 205 -6.14 -39.57 2.92
CA LYS C 205 -7.56 -39.57 3.36
C LYS C 205 -8.27 -38.43 2.62
N LEU C 206 -9.58 -38.54 2.45
CA LEU C 206 -10.48 -37.48 1.93
C LEU C 206 -11.07 -36.69 3.10
N HIS C 207 -10.66 -35.42 3.27
CA HIS C 207 -11.12 -34.50 4.34
C HIS C 207 -12.52 -34.01 4.02
N ILE C 208 -13.55 -34.58 4.67
CA ILE C 208 -14.97 -34.17 4.51
C ILE C 208 -15.25 -33.03 5.49
N GLN C 209 -15.47 -31.81 4.99
CA GLN C 209 -15.81 -30.64 5.83
C GLN C 209 -17.27 -30.80 6.27
N GLY C 210 -17.51 -30.82 7.57
CA GLY C 210 -18.88 -31.04 8.11
C GLY C 210 -19.43 -32.40 7.73
N THR C 211 -20.69 -32.48 7.33
CA THR C 211 -21.35 -33.77 7.00
C THR C 211 -20.99 -34.16 5.55
N GLY C 212 -20.65 -33.21 4.67
CA GLY C 212 -20.49 -33.46 3.22
C GLY C 212 -21.82 -33.46 2.47
N ASN C 213 -22.85 -32.81 3.00
CA ASN C 213 -24.18 -32.65 2.35
C ASN C 213 -24.11 -31.47 1.35
N SER C 214 -23.15 -30.57 1.46
CA SER C 214 -23.05 -29.42 0.52
C SER C 214 -23.03 -29.92 -0.94
N ARG C 215 -23.65 -29.14 -1.82
CA ARG C 215 -23.95 -29.53 -3.20
C ARG C 215 -23.37 -28.49 -4.13
N ARG C 216 -22.86 -28.96 -5.27
CA ARG C 216 -22.42 -28.11 -6.40
C ARG C 216 -23.00 -28.70 -7.69
N ASN C 217 -23.14 -27.88 -8.73
CA ASN C 217 -23.23 -28.33 -10.13
C ASN C 217 -21.84 -28.28 -10.78
N PHE C 218 -21.48 -29.30 -11.55
CA PHE C 218 -20.13 -29.45 -12.15
C PHE C 218 -20.25 -29.39 -13.67
N ILE C 219 -19.55 -28.40 -14.25
CA ILE C 219 -19.45 -28.18 -15.71
C ILE C 219 -17.99 -28.37 -16.10
N HIS C 220 -17.78 -29.01 -17.26
CA HIS C 220 -16.44 -29.31 -17.78
C HIS C 220 -15.83 -28.02 -18.34
N ALA C 221 -14.53 -27.82 -18.12
CA ALA C 221 -13.77 -26.62 -18.53
C ALA C 221 -13.94 -26.41 -20.06
N ILE C 222 -13.94 -27.49 -20.83
CA ILE C 222 -14.08 -27.40 -22.32
C ILE C 222 -15.45 -26.78 -22.69
N ASP C 223 -16.52 -27.19 -22.01
CA ASP C 223 -17.88 -26.60 -22.19
C ASP C 223 -17.88 -25.12 -21.79
N VAL C 224 -17.15 -24.75 -20.74
CA VAL C 224 -17.10 -23.33 -20.28
C VAL C 224 -16.41 -22.51 -21.37
N ALA C 225 -15.21 -22.96 -21.79
CA ALA C 225 -14.36 -22.25 -22.79
C ALA C 225 -15.19 -21.99 -24.05
N ASP C 226 -15.90 -23.02 -24.52
CA ASP C 226 -16.86 -22.95 -25.67
C ASP C 226 -17.93 -21.89 -25.38
N ALA C 227 -18.55 -21.93 -24.20
CA ALA C 227 -19.66 -21.03 -23.83
C ALA C 227 -19.15 -19.59 -23.79
N VAL C 228 -17.92 -19.38 -23.33
CA VAL C 228 -17.38 -17.99 -23.21
C VAL C 228 -17.06 -17.48 -24.60
N ASP C 229 -16.51 -18.33 -25.46
CA ASP C 229 -16.15 -17.94 -26.84
C ASP C 229 -17.43 -17.50 -27.57
N LEU C 230 -18.49 -18.29 -27.43
CA LEU C 230 -19.81 -17.98 -28.05
C LEU C 230 -20.38 -16.68 -27.48
N VAL C 231 -20.36 -16.47 -26.16
CA VAL C 231 -20.97 -15.26 -25.54
C VAL C 231 -20.20 -14.02 -25.98
N ILE C 232 -18.87 -14.10 -25.95
CA ILE C 232 -17.97 -13.03 -26.42
C ILE C 232 -18.32 -12.65 -27.86
N ASN C 233 -18.56 -13.64 -28.72
CA ASN C 233 -18.67 -13.40 -30.19
C ASN C 233 -20.10 -13.03 -30.57
N ASN C 234 -21.10 -13.50 -29.81
CA ASN C 234 -22.53 -13.52 -30.24
C ASN C 234 -23.42 -12.88 -29.19
N GLY C 235 -22.93 -12.67 -27.96
CA GLY C 235 -23.77 -12.23 -26.84
C GLY C 235 -24.17 -10.78 -27.03
N VAL C 236 -25.26 -10.37 -26.39
CA VAL C 236 -25.79 -8.97 -26.44
C VAL C 236 -25.10 -8.13 -25.35
N ILE C 237 -24.49 -7.02 -25.74
CA ILE C 237 -23.77 -6.10 -24.82
C ILE C 237 -24.74 -5.59 -23.75
N GLY C 238 -24.32 -5.60 -22.48
CA GLY C 238 -25.16 -5.18 -21.35
C GLY C 238 -25.76 -6.36 -20.63
N GLU C 239 -25.78 -7.54 -21.24
CA GLU C 239 -26.61 -8.64 -20.68
C GLU C 239 -25.76 -9.60 -19.84
N THR C 240 -26.46 -10.46 -19.10
CA THR C 240 -25.89 -11.55 -18.27
C THR C 240 -26.32 -12.89 -18.85
N TYR C 241 -25.38 -13.82 -18.98
CA TYR C 241 -25.62 -15.19 -19.48
C TYR C 241 -25.31 -16.17 -18.37
N ASN C 242 -26.25 -17.05 -18.02
CA ASN C 242 -25.97 -18.23 -17.17
C ASN C 242 -25.35 -19.34 -18.02
N ILE C 243 -24.19 -19.85 -17.59
CA ILE C 243 -23.55 -21.05 -18.20
C ILE C 243 -23.73 -22.17 -17.18
N GLY C 244 -24.95 -22.66 -17.12
CA GLY C 244 -25.36 -23.68 -16.14
C GLY C 244 -25.50 -25.03 -16.81
N VAL C 245 -25.47 -26.08 -15.99
CA VAL C 245 -25.78 -27.49 -16.36
C VAL C 245 -26.55 -28.11 -15.21
N THR C 246 -27.23 -29.20 -15.49
CA THR C 246 -27.91 -30.06 -14.51
C THR C 246 -26.94 -31.19 -14.22
N ASN C 247 -26.15 -31.07 -13.15
CA ASN C 247 -25.13 -32.08 -12.82
C ASN C 247 -24.74 -31.86 -11.38
N GLU C 248 -25.71 -32.09 -10.49
CA GLU C 248 -25.67 -31.67 -9.07
C GLU C 248 -25.24 -32.85 -8.19
N HIS C 249 -24.27 -32.64 -7.34
CA HIS C 249 -23.74 -33.69 -6.44
C HIS C 249 -23.43 -33.04 -5.11
N SER C 250 -23.64 -33.78 -4.02
CA SER C 250 -23.07 -33.51 -2.69
C SER C 250 -21.58 -33.85 -2.70
N VAL C 251 -20.86 -33.36 -1.70
CA VAL C 251 -19.44 -33.67 -1.44
C VAL C 251 -19.32 -35.21 -1.31
N LEU C 252 -20.22 -35.87 -0.57
CA LEU C 252 -20.20 -37.34 -0.30
C LEU C 252 -20.46 -38.10 -1.61
N ASP C 253 -21.44 -37.64 -2.39
CA ASP C 253 -21.76 -38.08 -3.77
C ASP C 253 -20.48 -38.09 -4.60
N VAL C 254 -19.71 -37.02 -4.54
CA VAL C 254 -18.49 -36.87 -5.39
C VAL C 254 -17.44 -37.85 -4.86
N ALA C 255 -17.30 -37.94 -3.53
CA ALA C 255 -16.30 -38.82 -2.89
C ALA C 255 -16.61 -40.28 -3.26
N GLN C 256 -17.88 -40.66 -3.30
CA GLN C 256 -18.34 -42.02 -3.65
C GLN C 256 -17.94 -42.33 -5.09
N ILE C 257 -18.29 -41.43 -6.02
CA ILE C 257 -17.95 -41.57 -7.46
C ILE C 257 -16.44 -41.78 -7.57
N LEU C 258 -15.63 -40.92 -6.94
CA LEU C 258 -14.16 -40.96 -7.11
C LEU C 258 -13.59 -42.23 -6.46
N CYS C 259 -14.18 -42.70 -5.34
CA CYS C 259 -13.78 -43.95 -4.64
C CYS C 259 -14.15 -45.19 -5.49
N ASP C 260 -15.30 -45.17 -6.18
CA ASP C 260 -15.78 -46.27 -7.07
C ASP C 260 -14.85 -46.35 -8.29
N ILE C 261 -14.31 -45.22 -8.75
CA ILE C 261 -13.33 -45.17 -9.87
C ILE C 261 -11.98 -45.73 -9.40
N ALA C 262 -11.47 -45.37 -8.21
CA ALA C 262 -10.12 -45.80 -7.75
C ALA C 262 -10.22 -47.23 -7.19
N GLY C 263 -11.45 -47.72 -6.99
CA GLY C 263 -11.78 -49.04 -6.44
C GLY C 263 -11.34 -49.20 -4.99
N VAL C 264 -11.61 -48.20 -4.14
CA VAL C 264 -11.43 -48.29 -2.66
C VAL C 264 -12.77 -48.09 -1.96
N ASN C 265 -12.86 -48.58 -0.73
CA ASN C 265 -14.04 -48.41 0.14
C ASN C 265 -14.08 -46.93 0.61
N LEU C 266 -15.26 -46.33 0.51
CA LEU C 266 -15.47 -44.89 0.81
C LEU C 266 -15.17 -44.66 2.30
N GLU C 267 -15.90 -45.35 3.19
CA GLU C 267 -15.77 -45.28 4.68
C GLU C 267 -14.29 -45.31 5.10
N ASN C 268 -13.44 -46.11 4.46
CA ASN C 268 -12.02 -46.26 4.87
C ASN C 268 -11.23 -45.00 4.52
N GLN C 269 -11.77 -44.19 3.61
CA GLN C 269 -11.08 -43.01 3.01
C GLN C 269 -11.43 -41.72 3.78
N LEU C 270 -12.63 -41.64 4.37
CA LEU C 270 -13.21 -40.39 4.93
C LEU C 270 -12.61 -40.06 6.30
N GLU C 271 -11.98 -38.90 6.40
CA GLU C 271 -11.62 -38.23 7.67
C GLU C 271 -12.48 -36.96 7.75
N TYR C 272 -13.51 -36.97 8.61
CA TYR C 272 -14.40 -35.81 8.82
C TYR C 272 -13.59 -34.69 9.51
N VAL C 273 -13.74 -33.47 9.00
CA VAL C 273 -12.94 -32.29 9.42
C VAL C 273 -13.96 -31.19 9.72
N PRO C 274 -13.59 -30.07 10.39
CA PRO C 274 -14.56 -29.03 10.73
C PRO C 274 -15.18 -28.34 9.49
N ASP C 275 -16.46 -28.02 9.58
CA ASP C 275 -17.25 -27.32 8.54
C ASP C 275 -16.59 -25.97 8.27
N ARG C 276 -16.83 -25.38 7.10
CA ARG C 276 -16.66 -23.92 6.89
C ARG C 276 -17.61 -23.15 7.83
N LEU C 277 -17.21 -21.97 8.27
CA LEU C 277 -17.89 -21.16 9.30
C LEU C 277 -19.05 -20.38 8.67
N PHE C 278 -19.18 -20.36 7.35
CA PHE C 278 -20.12 -19.44 6.66
C PHE C 278 -21.20 -20.23 5.95
N ASN C 279 -22.26 -19.55 5.56
CA ASN C 279 -23.45 -20.12 4.88
C ASN C 279 -23.23 -20.03 3.36
N ASP C 280 -23.19 -21.18 2.67
CA ASP C 280 -22.98 -21.24 1.19
C ASP C 280 -24.14 -21.99 0.54
N PHE C 281 -25.00 -21.25 -0.15
CA PHE C 281 -26.21 -21.73 -0.85
C PHE C 281 -26.07 -21.32 -2.31
N ARG C 282 -26.03 -22.28 -3.23
CA ARG C 282 -25.93 -22.00 -4.68
C ARG C 282 -27.33 -22.05 -5.29
N TYR C 283 -27.63 -21.08 -6.15
CA TYR C 283 -28.92 -20.95 -6.86
C TYR C 283 -28.83 -21.79 -8.15
N ASN C 284 -29.92 -22.47 -8.50
CA ASN C 284 -30.01 -23.23 -9.77
C ASN C 284 -30.22 -22.20 -10.88
N ILE C 285 -29.37 -22.25 -11.89
CA ILE C 285 -29.36 -21.30 -13.04
C ILE C 285 -29.73 -22.11 -14.29
N THR C 286 -30.64 -21.60 -15.11
CA THR C 286 -30.98 -22.21 -16.42
C THR C 286 -29.85 -21.91 -17.40
N ASN C 287 -29.93 -22.48 -18.60
CA ASN C 287 -28.93 -22.27 -19.68
C ASN C 287 -29.68 -21.91 -20.97
N ASP C 288 -30.92 -21.39 -20.86
CA ASP C 288 -31.78 -21.15 -22.06
C ASP C 288 -31.12 -20.11 -22.99
N LYS C 289 -30.84 -18.91 -22.47
CA LYS C 289 -30.23 -17.82 -23.27
C LYS C 289 -29.03 -18.35 -24.04
N ILE C 290 -28.15 -19.13 -23.40
CA ILE C 290 -26.87 -19.53 -24.03
C ILE C 290 -27.12 -20.68 -25.03
N LYS C 291 -28.11 -21.52 -24.76
CA LYS C 291 -28.59 -22.53 -25.73
C LYS C 291 -29.15 -21.80 -26.98
N SER C 292 -29.86 -20.69 -26.80
CA SER C 292 -30.38 -19.86 -27.93
C SER C 292 -29.24 -19.30 -28.77
N LEU C 293 -28.05 -19.04 -28.20
CA LEU C 293 -26.86 -18.55 -28.97
C LEU C 293 -26.27 -19.70 -29.77
N GLY C 294 -26.63 -20.95 -29.47
CA GLY C 294 -26.14 -22.13 -30.20
C GLY C 294 -25.14 -22.95 -29.39
N TRP C 295 -25.00 -22.69 -28.07
CA TRP C 295 -24.12 -23.50 -27.19
C TRP C 295 -24.77 -24.86 -26.95
N GLU C 296 -23.98 -25.93 -27.07
CA GLU C 296 -24.35 -27.30 -26.67
C GLU C 296 -23.30 -27.84 -25.71
N GLN C 297 -23.73 -28.34 -24.56
CA GLN C 297 -22.89 -29.10 -23.61
C GLN C 297 -22.35 -30.33 -24.35
N SER C 298 -21.04 -30.41 -24.55
CA SER C 298 -20.37 -31.52 -25.28
C SER C 298 -19.79 -32.58 -24.32
N ARG C 299 -19.70 -32.30 -23.00
CA ARG C 299 -19.14 -33.27 -22.01
C ARG C 299 -20.20 -33.59 -20.97
N LYS C 300 -21.08 -34.53 -21.28
CA LYS C 300 -22.34 -34.78 -20.52
C LYS C 300 -22.15 -35.94 -19.54
N ASP C 301 -21.13 -36.76 -19.75
CA ASP C 301 -20.91 -38.02 -18.98
C ASP C 301 -19.91 -37.77 -17.84
N PHE C 302 -20.42 -37.33 -16.70
CA PHE C 302 -19.63 -36.92 -15.52
C PHE C 302 -18.65 -38.02 -15.10
N LYS C 303 -19.14 -39.23 -14.89
CA LYS C 303 -18.28 -40.36 -14.43
C LYS C 303 -17.17 -40.64 -15.47
N LYS C 304 -17.48 -40.63 -16.75
CA LYS C 304 -16.44 -40.86 -17.81
C LYS C 304 -15.42 -39.73 -17.73
N GLU C 305 -15.86 -38.47 -17.65
CA GLU C 305 -14.91 -37.33 -17.56
C GLU C 305 -14.04 -37.45 -16.30
N LEU C 306 -14.57 -37.94 -15.18
CA LEU C 306 -13.77 -38.10 -13.93
C LEU C 306 -12.76 -39.24 -14.09
N VAL C 307 -13.13 -40.31 -14.81
CA VAL C 307 -12.17 -41.38 -15.19
C VAL C 307 -11.01 -40.75 -15.95
N GLU C 308 -11.30 -39.90 -16.93
CA GLU C 308 -10.24 -39.27 -17.78
C GLU C 308 -9.36 -38.39 -16.89
N LEU C 309 -9.98 -37.67 -15.94
CA LEU C 309 -9.26 -36.70 -15.05
C LEU C 309 -8.33 -37.48 -14.13
N PHE C 310 -8.77 -38.63 -13.65
CA PHE C 310 -7.95 -39.54 -12.80
C PHE C 310 -6.63 -39.85 -13.51
N ASP C 311 -6.71 -40.33 -14.75
CA ASP C 311 -5.55 -40.60 -15.65
C ASP C 311 -4.74 -39.32 -15.83
N TRP C 312 -5.39 -38.18 -16.06
CA TRP C 312 -4.61 -36.94 -16.34
C TRP C 312 -3.80 -36.51 -15.11
N TYR C 313 -4.36 -36.61 -13.92
CA TYR C 313 -3.66 -36.27 -12.65
C TYR C 313 -2.56 -37.33 -12.38
N LYS C 314 -2.81 -38.62 -12.66
CA LYS C 314 -1.74 -39.65 -12.59
C LYS C 314 -0.49 -39.13 -13.30
N VAL C 315 -0.67 -38.61 -14.53
CA VAL C 315 0.42 -38.22 -15.48
C VAL C 315 0.98 -36.83 -15.11
N ASN C 316 0.18 -35.89 -14.60
CA ASN C 316 0.59 -34.46 -14.53
C ASN C 316 0.53 -33.87 -13.12
N ARG C 317 0.07 -34.61 -12.10
CA ARG C 317 0.07 -34.27 -10.64
C ARG C 317 1.23 -33.31 -10.31
N HIS C 318 2.45 -33.77 -10.62
CA HIS C 318 3.74 -33.20 -10.17
C HIS C 318 3.90 -31.76 -10.65
N ARG C 319 3.26 -31.36 -11.76
CA ARG C 319 3.13 -29.93 -12.17
C ARG C 319 2.82 -29.04 -10.95
N TYR C 320 2.13 -29.57 -9.93
CA TYR C 320 1.55 -28.78 -8.81
C TYR C 320 2.35 -28.98 -7.51
N ASN C 321 3.56 -29.57 -7.57
CA ASN C 321 4.49 -29.69 -6.41
C ASN C 321 5.29 -28.39 -6.27
N MET D 4 -25.89 0.38 25.32
CA MET D 4 -24.81 1.35 24.91
C MET D 4 -24.09 1.81 26.18
N LYS D 5 -22.79 1.56 26.27
CA LYS D 5 -21.89 2.13 27.30
C LYS D 5 -20.63 2.69 26.60
N ASN D 6 -20.04 1.94 25.66
CA ASN D 6 -18.81 2.32 24.90
C ASN D 6 -19.06 2.16 23.40
N ILE D 7 -19.21 3.29 22.71
CA ILE D 7 -19.55 3.31 21.26
C ILE D 7 -18.35 3.92 20.48
N LEU D 8 -18.13 3.37 19.30
CA LEU D 8 -17.11 3.78 18.31
C LEU D 8 -17.92 4.39 17.17
N VAL D 9 -17.85 5.70 17.03
CA VAL D 9 -18.56 6.40 15.92
C VAL D 9 -17.57 6.71 14.80
N THR D 10 -17.66 5.99 13.69
CA THR D 10 -16.79 6.21 12.51
C THR D 10 -17.37 7.40 11.75
N GLY D 11 -16.51 8.28 11.24
CA GLY D 11 -16.98 9.50 10.55
C GLY D 11 -17.58 10.51 11.51
N GLY D 12 -17.22 10.43 12.79
CA GLY D 12 -17.81 11.20 13.90
C GLY D 12 -17.51 12.71 13.84
N LEU D 13 -16.53 13.14 13.07
CA LEU D 13 -16.17 14.57 12.85
C LEU D 13 -16.95 15.11 11.66
N GLY D 14 -17.58 14.24 10.90
CA GLY D 14 -18.33 14.64 9.70
C GLY D 14 -19.70 15.22 10.04
N PHE D 15 -20.46 15.60 9.02
CA PHE D 15 -21.81 16.22 9.13
C PHE D 15 -22.76 15.31 9.95
N ILE D 16 -23.18 14.18 9.40
CA ILE D 16 -24.22 13.32 10.04
C ILE D 16 -23.63 12.79 11.35
N GLY D 17 -22.37 12.32 11.32
CA GLY D 17 -21.70 11.70 12.49
C GLY D 17 -21.69 12.64 13.71
N SER D 18 -21.32 13.90 13.51
CA SER D 18 -21.09 14.86 14.62
C SER D 18 -22.45 15.21 15.23
N ASN D 19 -23.43 15.44 14.38
CA ASN D 19 -24.84 15.61 14.78
C ASN D 19 -25.25 14.45 15.69
N PHE D 20 -24.94 13.21 15.31
CA PHE D 20 -25.24 12.01 16.13
C PHE D 20 -24.45 12.03 17.43
N VAL D 21 -23.14 12.31 17.36
CA VAL D 21 -22.28 12.39 18.59
C VAL D 21 -22.88 13.43 19.58
N ASN D 22 -23.28 14.59 19.09
CA ASN D 22 -23.80 15.70 19.93
C ASN D 22 -25.15 15.26 20.55
N HIS D 23 -25.96 14.51 19.82
CA HIS D 23 -27.28 14.01 20.28
C HIS D 23 -27.02 13.06 21.45
N ILE D 24 -26.06 12.15 21.30
CA ILE D 24 -25.79 11.08 22.28
C ILE D 24 -25.15 11.66 23.55
N SER D 25 -24.20 12.59 23.43
CA SER D 25 -23.43 13.11 24.59
C SER D 25 -24.36 13.98 25.45
N SER D 26 -25.23 14.76 24.81
CA SER D 26 -26.29 15.60 25.44
C SER D 26 -27.35 14.72 26.13
N LYS D 27 -27.89 13.74 25.41
CA LYS D 27 -29.06 12.94 25.88
C LYS D 27 -28.67 11.91 26.92
N TYR D 28 -27.53 11.22 26.81
CA TYR D 28 -27.13 10.12 27.73
C TYR D 28 -25.78 10.43 28.40
N ASP D 29 -25.82 10.68 29.70
CA ASP D 29 -24.65 11.15 30.50
C ASP D 29 -23.65 9.99 30.67
N ASN D 30 -24.15 8.75 30.65
CA ASN D 30 -23.38 7.52 30.98
C ASN D 30 -22.49 7.05 29.80
N VAL D 31 -22.77 7.40 28.53
CA VAL D 31 -22.14 6.74 27.34
C VAL D 31 -20.78 7.36 26.99
N ASN D 32 -19.73 6.53 26.90
CA ASN D 32 -18.40 6.90 26.34
C ASN D 32 -18.43 6.85 24.81
N ILE D 33 -18.13 7.96 24.15
CA ILE D 33 -18.13 8.07 22.66
C ILE D 33 -16.69 8.20 22.17
N TYR D 34 -16.28 7.25 21.33
CA TYR D 34 -14.99 7.25 20.62
C TYR D 34 -15.24 7.66 19.17
N VAL D 35 -14.96 8.92 18.87
CA VAL D 35 -15.06 9.49 17.51
C VAL D 35 -13.84 8.98 16.76
N TYR D 36 -14.06 8.24 15.66
CA TYR D 36 -13.00 7.60 14.86
C TYR D 36 -13.08 8.20 13.45
N ASP D 37 -12.06 8.99 13.09
CA ASP D 37 -12.16 9.88 11.91
C ASP D 37 -10.77 10.14 11.36
N ILE D 38 -10.65 10.12 10.04
CA ILE D 38 -9.39 10.30 9.28
C ILE D 38 -9.13 11.81 9.13
N GLY D 39 -10.16 12.64 9.38
CA GLY D 39 -10.09 14.10 9.54
C GLY D 39 -9.74 14.82 8.24
N ASP D 40 -10.38 14.46 7.13
CA ASP D 40 -10.14 15.16 5.83
C ASP D 40 -11.04 16.41 5.77
N TYR D 41 -11.00 17.12 4.65
CA TYR D 41 -11.26 18.58 4.56
C TYR D 41 -12.71 18.94 4.97
N CYS D 42 -13.67 18.01 4.81
CA CYS D 42 -15.13 18.20 5.06
C CYS D 42 -15.48 17.91 6.53
N ALA D 43 -14.54 17.32 7.28
CA ALA D 43 -14.65 17.02 8.73
C ALA D 43 -14.11 18.24 9.51
N SER D 44 -14.56 18.41 10.75
CA SER D 44 -14.03 19.44 11.67
C SER D 44 -14.13 18.98 13.12
N VAL D 45 -13.08 19.23 13.89
CA VAL D 45 -13.10 19.08 15.38
C VAL D 45 -14.17 20.04 15.93
N GLU D 46 -14.41 21.19 15.28
CA GLU D 46 -15.41 22.18 15.75
C GLU D 46 -16.85 21.63 15.63
N ASN D 47 -17.08 20.53 14.92
CA ASN D 47 -18.45 19.98 14.73
C ASN D 47 -18.95 19.30 16.01
N VAL D 48 -18.05 18.93 16.92
CA VAL D 48 -18.38 18.09 18.10
C VAL D 48 -18.22 18.91 19.37
N GLU D 49 -19.16 18.75 20.31
CA GLU D 49 -19.11 19.31 21.68
C GLU D 49 -18.26 18.37 22.56
N TRP D 50 -16.97 18.66 22.67
CA TRP D 50 -16.02 17.79 23.42
C TRP D 50 -16.36 17.86 24.92
N ASN D 51 -16.28 16.73 25.59
CA ASN D 51 -16.44 16.65 27.07
C ASN D 51 -15.72 15.40 27.55
N ASN D 52 -15.87 15.10 28.84
CA ASN D 52 -15.21 13.96 29.55
C ASN D 52 -15.62 12.63 28.91
N ARG D 53 -16.82 12.54 28.31
CA ARG D 53 -17.39 11.30 27.70
C ARG D 53 -16.95 11.14 26.24
N THR D 54 -16.54 12.22 25.57
CA THR D 54 -16.26 12.26 24.10
C THR D 54 -14.74 12.30 23.88
N LYS D 55 -14.19 11.37 23.11
CA LYS D 55 -12.74 11.43 22.78
C LYS D 55 -12.51 11.01 21.31
N LEU D 56 -11.41 11.51 20.76
CA LEU D 56 -11.04 11.41 19.34
C LEU D 56 -9.91 10.40 19.17
N ILE D 57 -10.11 9.44 18.28
CA ILE D 57 -9.06 8.56 17.70
C ILE D 57 -8.94 8.91 16.23
N LYS D 58 -7.77 9.42 15.84
CA LYS D 58 -7.44 9.69 14.42
C LYS D 58 -7.06 8.36 13.75
N GLY D 59 -7.73 8.03 12.65
CA GLY D 59 -7.51 6.78 11.93
C GLY D 59 -8.44 6.59 10.75
N ASP D 60 -8.04 5.70 9.87
CA ASP D 60 -8.80 5.25 8.70
C ASP D 60 -9.57 4.00 9.14
N ILE D 61 -10.80 3.82 8.63
CA ILE D 61 -11.61 2.59 8.94
C ILE D 61 -10.91 1.35 8.36
N ARG D 62 -9.95 1.53 7.45
CA ARG D 62 -9.16 0.40 6.88
C ARG D 62 -8.02 -0.05 7.81
N ASN D 63 -7.78 0.64 8.91
CA ASN D 63 -6.65 0.37 9.83
C ASN D 63 -7.06 -0.77 10.79
N PHE D 64 -6.94 -1.98 10.29
CA PHE D 64 -7.33 -3.22 11.00
C PHE D 64 -6.78 -3.19 12.44
N ASP D 65 -5.47 -2.93 12.60
CA ASP D 65 -4.82 -3.11 13.92
C ASP D 65 -5.21 -1.97 14.87
N LEU D 66 -5.47 -0.75 14.37
CA LEU D 66 -5.90 0.35 15.24
C LEU D 66 -7.36 0.08 15.70
N ILE D 67 -8.23 -0.37 14.80
CA ILE D 67 -9.64 -0.76 15.13
C ILE D 67 -9.62 -1.89 16.17
N MET D 68 -8.86 -2.98 15.94
CA MET D 68 -8.79 -4.12 16.87
C MET D 68 -8.33 -3.62 18.24
N HIS D 69 -7.34 -2.73 18.28
CA HIS D 69 -6.81 -2.16 19.54
C HIS D 69 -7.92 -1.39 20.27
N THR D 70 -8.67 -0.59 19.52
CA THR D 70 -9.75 0.26 20.05
C THR D 70 -10.87 -0.64 20.60
N LEU D 71 -11.37 -1.58 19.80
CA LEU D 71 -12.45 -2.49 20.23
C LEU D 71 -12.07 -3.09 21.59
N THR D 72 -10.89 -3.72 21.67
CA THR D 72 -10.42 -4.49 22.86
C THR D 72 -10.10 -3.53 24.03
N GLU D 73 -9.47 -2.38 23.80
CA GLU D 73 -8.96 -1.52 24.91
C GLU D 73 -10.12 -0.81 25.60
N HIS D 74 -11.05 -0.23 24.83
CA HIS D 74 -12.21 0.53 25.34
C HIS D 74 -13.48 -0.35 25.43
N GLU D 75 -13.36 -1.67 25.32
CA GLU D 75 -14.51 -2.60 25.53
C GLU D 75 -15.73 -2.12 24.75
N ILE D 76 -15.55 -1.85 23.46
CA ILE D 76 -16.61 -1.27 22.60
C ILE D 76 -17.80 -2.26 22.52
N ASP D 77 -19.02 -1.77 22.72
CA ASP D 77 -20.25 -2.62 22.60
C ASP D 77 -20.98 -2.31 21.30
N THR D 78 -20.82 -1.08 20.77
CA THR D 78 -21.54 -0.60 19.57
C THR D 78 -20.57 0.11 18.61
N ILE D 79 -20.60 -0.28 17.34
CA ILE D 79 -19.98 0.51 16.26
C ILE D 79 -21.10 1.26 15.58
N VAL D 80 -20.98 2.58 15.45
CA VAL D 80 -21.93 3.34 14.61
C VAL D 80 -21.14 3.86 13.41
N HIS D 81 -21.45 3.37 12.21
CA HIS D 81 -20.58 3.49 11.01
C HIS D 81 -21.14 4.53 10.05
N PHE D 82 -20.66 5.78 10.14
CA PHE D 82 -21.02 6.88 9.20
C PHE D 82 -19.89 7.17 8.18
N ALA D 83 -18.70 6.57 8.25
CA ALA D 83 -17.57 7.06 7.42
C ALA D 83 -17.68 6.50 6.00
N ALA D 84 -18.72 6.88 5.26
CA ALA D 84 -18.86 6.60 3.80
C ALA D 84 -18.10 7.69 3.02
N HIS D 85 -17.75 7.43 1.76
CA HIS D 85 -17.01 8.37 0.88
C HIS D 85 -17.96 9.51 0.46
N SER D 86 -17.46 10.75 0.41
CA SER D 86 -18.26 11.95 0.06
C SER D 86 -18.75 11.82 -1.39
N HIS D 87 -20.06 11.89 -1.58
CA HIS D 87 -20.77 11.86 -2.88
C HIS D 87 -20.72 13.30 -3.44
N VAL D 88 -19.49 13.73 -3.79
CA VAL D 88 -19.14 15.01 -4.49
C VAL D 88 -17.96 14.73 -5.44
N ASN D 94 -12.84 9.92 -9.35
CA ASN D 94 -12.56 8.48 -9.23
C ASN D 94 -13.58 7.78 -8.32
N SER D 95 -14.45 6.98 -8.94
CA SER D 95 -15.30 5.96 -8.31
C SER D 95 -14.42 4.98 -7.51
N LEU D 96 -13.12 4.86 -7.80
CA LEU D 96 -12.24 3.83 -7.20
C LEU D 96 -12.14 4.06 -5.69
N ALA D 97 -12.09 5.32 -5.27
CA ALA D 97 -12.04 5.71 -3.85
C ALA D 97 -13.35 5.31 -3.15
N PHE D 98 -14.47 5.23 -3.88
CA PHE D 98 -15.78 4.83 -3.32
C PHE D 98 -15.72 3.35 -2.91
N THR D 99 -15.10 2.52 -3.73
CA THR D 99 -14.93 1.06 -3.44
C THR D 99 -13.98 0.91 -2.25
N GLU D 100 -12.85 1.60 -2.26
CA GLU D 100 -11.86 1.50 -1.16
C GLU D 100 -12.53 1.83 0.19
N THR D 101 -13.29 2.92 0.30
CA THR D 101 -13.89 3.38 1.59
C THR D 101 -15.21 2.65 1.87
N ASN D 102 -16.13 2.64 0.92
CA ASN D 102 -17.49 2.10 1.18
C ASN D 102 -17.42 0.58 1.30
N VAL D 103 -16.68 -0.10 0.43
CA VAL D 103 -16.79 -1.58 0.34
C VAL D 103 -15.65 -2.14 1.20
N PHE D 104 -14.39 -1.86 0.84
CA PHE D 104 -13.25 -2.44 1.57
C PHE D 104 -13.26 -1.91 3.00
N GLY D 105 -13.40 -0.60 3.20
CA GLY D 105 -13.37 -0.03 4.57
C GLY D 105 -14.44 -0.63 5.49
N THR D 106 -15.68 -0.73 5.02
CA THR D 106 -16.80 -1.32 5.81
C THR D 106 -16.43 -2.76 6.14
N HIS D 107 -15.88 -3.49 5.16
CA HIS D 107 -15.49 -4.92 5.31
C HIS D 107 -14.41 -5.05 6.40
N VAL D 108 -13.43 -4.14 6.45
CA VAL D 108 -12.38 -4.18 7.51
C VAL D 108 -13.06 -4.06 8.87
N LEU D 109 -13.96 -3.08 9.05
CA LEU D 109 -14.74 -2.92 10.31
C LEU D 109 -15.52 -4.19 10.66
N LEU D 110 -16.19 -4.80 9.69
CA LEU D 110 -16.97 -6.04 9.92
C LEU D 110 -16.04 -7.17 10.38
N GLU D 111 -14.91 -7.40 9.68
CA GLU D 111 -13.97 -8.50 10.05
C GLU D 111 -13.37 -8.26 11.43
N CYS D 112 -12.94 -7.04 11.77
CA CYS D 112 -12.46 -6.70 13.12
C CYS D 112 -13.55 -7.05 14.13
N SER D 113 -14.81 -6.74 13.78
CA SER D 113 -15.98 -6.94 14.67
C SER D 113 -16.16 -8.44 14.90
N ARG D 114 -16.07 -9.22 13.83
CA ARG D 114 -16.14 -10.72 13.89
C ARG D 114 -14.99 -11.26 14.78
N MET D 115 -13.77 -10.78 14.60
CA MET D 115 -12.59 -11.31 15.32
C MET D 115 -12.68 -10.91 16.79
N TYR D 116 -13.13 -9.69 17.06
CA TYR D 116 -13.35 -9.14 18.41
C TYR D 116 -14.39 -10.01 19.14
N GLY D 117 -15.54 -10.24 18.49
CA GLY D 117 -16.51 -11.28 18.91
C GLY D 117 -17.35 -10.84 20.09
N LYS D 118 -17.25 -9.59 20.54
CA LYS D 118 -17.93 -9.08 21.77
C LYS D 118 -18.76 -7.84 21.44
N LEU D 119 -19.04 -7.57 20.17
CA LEU D 119 -19.87 -6.41 19.79
C LEU D 119 -21.35 -6.74 20.03
N LYS D 120 -22.12 -5.82 20.62
CA LYS D 120 -23.60 -5.92 20.82
C LYS D 120 -24.33 -5.46 19.55
N LEU D 121 -23.79 -4.45 18.86
CA LEU D 121 -24.42 -3.93 17.64
C LEU D 121 -23.41 -3.31 16.69
N PHE D 122 -23.53 -3.65 15.41
CA PHE D 122 -22.85 -2.96 14.29
C PHE D 122 -23.90 -2.22 13.48
N PHE D 123 -23.92 -0.91 13.59
CA PHE D 123 -24.90 -0.06 12.88
C PHE D 123 -24.24 0.50 11.62
N HIS D 124 -24.83 0.21 10.48
CA HIS D 124 -24.32 0.65 9.14
C HIS D 124 -25.24 1.70 8.55
N MET D 125 -24.74 2.92 8.32
CA MET D 125 -25.51 4.01 7.65
C MET D 125 -25.35 3.89 6.15
N SER D 126 -26.47 3.79 5.44
CA SER D 126 -26.53 3.70 3.97
C SER D 126 -27.43 4.83 3.50
N THR D 127 -27.83 4.88 2.22
CA THR D 127 -28.59 6.01 1.65
C THR D 127 -29.68 5.45 0.74
N ASP D 128 -30.57 6.31 0.27
CA ASP D 128 -31.65 6.02 -0.70
C ASP D 128 -31.06 5.81 -2.09
N GLU D 129 -29.73 5.76 -2.24
CA GLU D 129 -29.09 5.25 -3.50
C GLU D 129 -29.32 3.74 -3.62
N VAL D 130 -29.61 3.08 -2.51
CA VAL D 130 -29.85 1.61 -2.45
C VAL D 130 -31.33 1.36 -2.12
N TYR D 131 -31.97 0.41 -2.78
CA TYR D 131 -33.37 0.02 -2.50
C TYR D 131 -33.50 -1.50 -2.60
N GLY D 132 -34.11 -2.13 -1.59
CA GLY D 132 -34.33 -3.59 -1.51
C GLY D 132 -35.77 -3.95 -1.78
N GLU D 133 -35.99 -5.02 -2.54
CA GLU D 133 -37.33 -5.64 -2.77
C GLU D 133 -37.76 -6.35 -1.48
N ILE D 134 -39.01 -6.14 -1.07
CA ILE D 134 -39.60 -6.65 0.21
C ILE D 134 -40.12 -8.08 -0.02
N ASP D 135 -39.96 -8.96 0.97
CA ASP D 135 -40.55 -10.32 1.00
C ASP D 135 -42.07 -10.22 1.10
N THR D 136 -42.82 -11.15 0.51
CA THR D 136 -44.31 -11.08 0.39
C THR D 136 -44.97 -12.12 1.30
N THR D 139 -42.69 -8.99 5.54
CA THR D 139 -42.49 -7.59 5.04
C THR D 139 -41.35 -6.89 5.81
N SER D 140 -40.93 -7.43 6.95
CA SER D 140 -39.78 -6.96 7.77
C SER D 140 -38.46 -7.49 7.19
N ARG D 141 -38.52 -8.17 6.04
CA ARG D 141 -37.37 -8.91 5.46
C ARG D 141 -37.16 -8.47 4.01
N GLU D 142 -35.88 -8.30 3.61
CA GLU D 142 -35.45 -7.97 2.23
C GLU D 142 -34.97 -9.24 1.52
N VAL D 143 -35.25 -9.34 0.23
CA VAL D 143 -34.97 -10.50 -0.69
C VAL D 143 -33.74 -10.18 -1.55
N SER D 144 -33.67 -8.96 -2.09
CA SER D 144 -32.67 -8.57 -3.12
C SER D 144 -32.34 -7.07 -2.99
N LEU D 145 -31.30 -6.60 -3.67
CA LEU D 145 -31.10 -5.13 -3.90
C LEU D 145 -31.27 -4.87 -5.39
N LEU D 146 -31.87 -3.73 -5.78
CA LEU D 146 -32.03 -3.38 -7.21
C LEU D 146 -30.64 -3.04 -7.78
N CYS D 147 -30.42 -3.38 -9.05
CA CYS D 147 -29.15 -3.13 -9.78
C CYS D 147 -28.92 -1.62 -9.83
N PRO D 148 -27.90 -1.08 -9.14
CA PRO D 148 -27.60 0.34 -9.23
C PRO D 148 -27.26 0.76 -10.66
N THR D 149 -27.48 2.03 -10.99
CA THR D 149 -27.32 2.54 -12.38
C THR D 149 -25.94 3.23 -12.52
N ASN D 150 -25.22 3.45 -11.43
CA ASN D 150 -23.91 4.15 -11.45
C ASN D 150 -22.97 3.48 -10.45
N PRO D 151 -21.63 3.61 -10.62
CA PRO D 151 -20.69 2.91 -9.76
C PRO D 151 -20.70 3.37 -8.29
N TYR D 152 -21.01 4.66 -8.05
CA TYR D 152 -21.02 5.27 -6.71
C TYR D 152 -22.09 4.54 -5.90
N ALA D 153 -23.30 4.41 -6.43
CA ALA D 153 -24.42 3.63 -5.83
C ALA D 153 -24.09 2.13 -5.81
N ALA D 154 -23.40 1.58 -6.82
CA ALA D 154 -22.95 0.16 -6.80
C ALA D 154 -22.17 -0.11 -5.51
N THR D 155 -21.27 0.81 -5.12
CA THR D 155 -20.42 0.61 -3.93
C THR D 155 -21.31 0.64 -2.69
N LYS D 156 -22.43 1.38 -2.71
CA LYS D 156 -23.34 1.40 -1.54
C LYS D 156 -24.05 0.03 -1.42
N ALA D 157 -24.56 -0.49 -2.54
CA ALA D 157 -25.23 -1.82 -2.60
C ALA D 157 -24.23 -2.89 -2.14
N GLY D 158 -23.00 -2.83 -2.67
CA GLY D 158 -21.89 -3.71 -2.30
C GLY D 158 -21.68 -3.78 -0.80
N ALA D 159 -21.59 -2.62 -0.14
CA ALA D 159 -21.39 -2.47 1.31
C ALA D 159 -22.54 -3.16 2.06
N GLU D 160 -23.79 -2.86 1.68
CA GLU D 160 -24.98 -3.46 2.35
C GLU D 160 -24.92 -5.00 2.21
N HIS D 161 -24.60 -5.52 1.03
CA HIS D 161 -24.49 -6.99 0.78
C HIS D 161 -23.53 -7.59 1.80
N ILE D 162 -22.35 -6.99 1.98
CA ILE D 162 -21.32 -7.59 2.86
C ILE D 162 -21.82 -7.47 4.30
N VAL D 163 -22.34 -6.31 4.70
CA VAL D 163 -22.84 -6.09 6.09
C VAL D 163 -23.86 -7.18 6.48
N LYS D 164 -24.90 -7.37 5.69
CA LYS D 164 -25.96 -8.38 6.01
C LYS D 164 -25.35 -9.79 6.05
N SER D 165 -24.34 -10.03 5.22
CA SER D 165 -23.74 -11.38 5.04
C SER D 165 -23.06 -11.78 6.35
N TYR D 166 -22.54 -10.80 7.09
CA TYR D 166 -21.84 -11.07 8.37
C TYR D 166 -22.85 -11.52 9.45
N PHE D 167 -24.09 -11.02 9.38
CA PHE D 167 -25.22 -11.51 10.21
C PHE D 167 -25.60 -12.92 9.77
N LEU D 168 -25.78 -13.14 8.47
CA LEU D 168 -26.35 -14.41 7.96
C LEU D 168 -25.33 -15.53 8.14
N SER D 169 -24.03 -15.22 8.11
CA SER D 169 -22.98 -16.27 8.20
C SER D 169 -22.53 -16.44 9.65
N TYR D 170 -22.32 -15.36 10.39
CA TYR D 170 -21.58 -15.39 11.68
C TYR D 170 -22.39 -14.81 12.85
N LYS D 171 -23.63 -14.41 12.61
CA LYS D 171 -24.47 -13.79 13.67
C LYS D 171 -23.82 -12.50 14.18
N LEU D 172 -22.97 -11.86 13.39
CA LEU D 172 -22.57 -10.47 13.75
C LEU D 172 -23.85 -9.66 13.82
N PRO D 173 -24.16 -8.99 14.96
CA PRO D 173 -25.42 -8.27 15.11
C PRO D 173 -25.42 -6.93 14.38
N ILE D 174 -25.88 -6.92 13.14
CA ILE D 174 -25.85 -5.74 12.24
C ILE D 174 -27.25 -5.13 12.21
N ILE D 175 -27.34 -3.84 11.97
CA ILE D 175 -28.59 -3.18 11.47
C ILE D 175 -28.20 -2.14 10.44
N ILE D 176 -28.92 -2.09 9.34
CA ILE D 176 -28.69 -1.11 8.25
C ILE D 176 -29.80 -0.08 8.31
N ALA D 177 -29.46 1.19 8.14
CA ALA D 177 -30.50 2.22 7.91
C ALA D 177 -30.18 2.90 6.60
N ARG D 178 -31.21 3.32 5.87
CA ARG D 178 -31.11 4.14 4.65
C ARG D 178 -31.76 5.50 4.90
N CYS D 179 -31.03 6.57 4.61
CA CYS D 179 -31.49 7.98 4.71
C CYS D 179 -31.67 8.60 3.35
N ASN D 180 -32.59 9.56 3.28
CA ASN D 180 -32.62 10.61 2.24
C ASN D 180 -31.40 11.55 2.37
N ASN D 181 -31.30 12.55 1.50
CA ASN D 181 -30.31 13.66 1.65
C ASN D 181 -30.55 14.38 2.97
N VAL D 182 -29.49 14.54 3.76
CA VAL D 182 -29.56 15.17 5.09
C VAL D 182 -29.13 16.64 4.93
N TYR D 183 -29.72 17.52 5.74
CA TYR D 183 -29.41 18.97 5.82
C TYR D 183 -29.46 19.38 7.28
N GLY D 184 -28.71 20.42 7.62
CA GLY D 184 -28.56 20.89 9.00
C GLY D 184 -27.23 21.60 9.19
N ARG D 185 -26.87 21.81 10.45
CA ARG D 185 -25.63 22.50 10.84
C ARG D 185 -24.47 21.51 10.67
N ASN D 186 -23.27 22.06 10.45
CA ASN D 186 -21.98 21.31 10.44
C ASN D 186 -21.78 20.64 9.09
N GLN D 187 -22.55 21.01 8.06
CA GLN D 187 -22.39 20.40 6.71
C GLN D 187 -21.40 21.28 5.97
N TYR D 188 -20.29 20.69 5.53
CA TYR D 188 -19.30 21.38 4.67
C TYR D 188 -20.06 21.85 3.44
N PRO D 189 -19.94 23.13 3.06
CA PRO D 189 -20.73 23.67 1.96
C PRO D 189 -20.31 23.20 0.56
N GLU D 190 -20.39 21.91 0.26
CA GLU D 190 -20.29 21.39 -1.13
C GLU D 190 -21.54 20.59 -1.50
N LYS D 191 -22.44 20.36 -0.55
CA LYS D 191 -23.78 19.77 -0.83
C LYS D 191 -24.73 20.92 -1.19
N LEU D 192 -25.77 20.64 -1.95
CA LEU D 192 -26.64 21.65 -2.59
C LEU D 192 -27.04 22.78 -1.63
N ILE D 193 -27.59 22.45 -0.44
CA ILE D 193 -28.25 23.44 0.44
C ILE D 193 -27.19 24.38 1.02
N PRO D 194 -26.18 23.88 1.75
CA PRO D 194 -25.20 24.77 2.38
C PRO D 194 -24.35 25.56 1.36
N LYS D 195 -24.08 24.97 0.19
CA LYS D 195 -23.38 25.62 -0.95
C LYS D 195 -24.20 26.81 -1.48
N PHE D 196 -25.48 26.60 -1.78
CA PHE D 196 -26.38 27.64 -2.33
C PHE D 196 -26.62 28.74 -1.29
N ILE D 197 -26.79 28.38 -0.01
CA ILE D 197 -26.87 29.34 1.13
C ILE D 197 -25.62 30.23 1.13
N CYS D 198 -24.43 29.63 1.24
CA CYS D 198 -23.11 30.32 1.28
C CYS D 198 -22.85 31.14 0.01
N SER D 199 -23.30 30.66 -1.16
CA SER D 199 -23.28 31.43 -2.42
C SER D 199 -24.17 32.69 -2.28
N LEU D 200 -25.36 32.57 -1.67
CA LEU D 200 -26.32 33.69 -1.60
C LEU D 200 -25.79 34.74 -0.61
N LEU D 201 -25.26 34.28 0.53
CA LEU D 201 -24.62 35.13 1.55
C LEU D 201 -23.43 35.87 0.93
N ASP D 202 -22.57 35.19 0.16
CA ASP D 202 -21.36 35.78 -0.47
C ASP D 202 -21.72 36.66 -1.67
N GLY D 203 -22.98 36.63 -2.12
CA GLY D 203 -23.48 37.37 -3.29
C GLY D 203 -22.92 36.81 -4.58
N LYS D 204 -22.59 35.51 -4.61
CA LYS D 204 -22.06 34.77 -5.78
C LYS D 204 -23.23 34.13 -6.54
N LYS D 205 -22.93 33.32 -7.57
CA LYS D 205 -23.95 32.73 -8.48
C LYS D 205 -24.36 31.33 -7.97
N LEU D 206 -25.59 30.88 -8.32
CA LEU D 206 -26.07 29.50 -8.06
C LEU D 206 -25.82 28.62 -9.30
N HIS D 207 -24.80 27.75 -9.22
CA HIS D 207 -24.36 26.83 -10.32
C HIS D 207 -25.35 25.66 -10.41
N ILE D 208 -26.29 25.72 -11.36
CA ILE D 208 -27.27 24.63 -11.66
C ILE D 208 -26.59 23.65 -12.62
N GLN D 209 -26.46 22.39 -12.20
CA GLN D 209 -25.97 21.31 -13.09
C GLN D 209 -27.14 20.85 -13.97
N GLY D 210 -26.91 20.75 -15.27
CA GLY D 210 -27.92 20.28 -16.25
C GLY D 210 -29.09 21.24 -16.30
N THR D 211 -30.31 20.69 -16.28
CA THR D 211 -31.59 21.44 -16.25
C THR D 211 -32.01 21.74 -14.80
N GLY D 212 -31.30 21.21 -13.80
CA GLY D 212 -31.65 21.33 -12.37
C GLY D 212 -32.99 20.69 -12.05
N ASN D 213 -33.39 19.66 -12.80
CA ASN D 213 -34.69 18.97 -12.63
C ASN D 213 -34.51 17.73 -11.75
N SER D 214 -33.28 17.42 -11.36
CA SER D 214 -32.98 16.24 -10.51
C SER D 214 -33.62 16.45 -9.12
N ARG D 215 -34.14 15.40 -8.53
CA ARG D 215 -35.03 15.46 -7.34
C ARG D 215 -34.34 14.78 -6.16
N ARG D 216 -34.53 15.32 -4.95
CA ARG D 216 -34.05 14.72 -3.68
C ARG D 216 -35.11 14.90 -2.58
N ASN D 217 -35.06 14.05 -1.55
CA ASN D 217 -35.84 14.24 -0.30
C ASN D 217 -34.87 14.74 0.78
N PHE D 218 -35.27 15.73 1.56
CA PHE D 218 -34.39 16.40 2.57
C PHE D 218 -34.94 16.13 3.96
N ILE D 219 -34.08 15.54 4.82
CA ILE D 219 -34.38 15.24 6.24
C ILE D 219 -33.35 15.99 7.06
N HIS D 220 -33.77 16.52 8.22
CA HIS D 220 -32.90 17.29 9.14
C HIS D 220 -32.01 16.32 9.93
N ALA D 221 -30.74 16.70 10.11
CA ALA D 221 -29.72 15.94 10.86
C ALA D 221 -30.25 15.59 12.26
N ILE D 222 -31.00 16.49 12.89
CA ILE D 222 -31.55 16.25 14.25
C ILE D 222 -32.56 15.09 14.19
N ASP D 223 -33.36 14.99 13.12
CA ASP D 223 -34.32 13.86 12.97
C ASP D 223 -33.54 12.57 12.66
N VAL D 224 -32.46 12.67 11.89
CA VAL D 224 -31.61 11.49 11.59
C VAL D 224 -31.01 10.97 12.89
N ALA D 225 -30.38 11.83 13.67
CA ALA D 225 -29.71 11.46 14.94
C ALA D 225 -30.69 10.73 15.88
N ASP D 226 -31.90 11.26 15.98
CA ASP D 226 -33.04 10.69 16.75
C ASP D 226 -33.36 9.26 16.25
N ALA D 227 -33.54 9.09 14.94
CA ALA D 227 -33.90 7.81 14.28
C ALA D 227 -32.79 6.78 14.52
N VAL D 228 -31.54 7.21 14.35
CA VAL D 228 -30.39 6.30 14.51
C VAL D 228 -30.36 5.83 15.97
N ASP D 229 -30.59 6.73 16.92
CA ASP D 229 -30.61 6.42 18.38
C ASP D 229 -31.70 5.39 18.66
N LEU D 230 -32.88 5.56 18.08
CA LEU D 230 -34.05 4.68 18.29
C LEU D 230 -33.74 3.28 17.70
N VAL D 231 -33.25 3.24 16.47
CA VAL D 231 -32.90 1.97 15.79
C VAL D 231 -31.81 1.23 16.58
N ILE D 232 -30.75 1.92 17.01
CA ILE D 232 -29.63 1.27 17.74
C ILE D 232 -30.20 0.58 18.97
N ASN D 233 -31.10 1.27 19.69
CA ASN D 233 -31.62 0.84 21.02
C ASN D 233 -32.82 -0.09 20.87
N ASN D 234 -33.57 -0.07 19.77
CA ASN D 234 -34.88 -0.77 19.69
C ASN D 234 -35.01 -1.63 18.43
N GLY D 235 -34.12 -1.45 17.44
CA GLY D 235 -34.24 -2.13 16.14
C GLY D 235 -34.09 -3.65 16.28
N VAL D 236 -34.64 -4.39 15.33
CA VAL D 236 -34.48 -5.87 15.30
C VAL D 236 -33.12 -6.19 14.65
N ILE D 237 -32.29 -6.99 15.30
CA ILE D 237 -30.95 -7.35 14.77
C ILE D 237 -31.14 -8.07 13.41
N GLY D 238 -30.38 -7.64 12.40
CA GLY D 238 -30.40 -8.25 11.05
C GLY D 238 -31.24 -7.46 10.06
N GLU D 239 -32.05 -6.52 10.52
CA GLU D 239 -33.03 -5.87 9.61
C GLU D 239 -32.43 -4.57 9.05
N THR D 240 -33.07 -4.06 8.00
CA THR D 240 -32.86 -2.73 7.39
C THR D 240 -34.05 -1.82 7.72
N TYR D 241 -33.78 -0.56 8.05
CA TYR D 241 -34.77 0.49 8.41
C TYR D 241 -34.62 1.66 7.45
N ASN D 242 -35.66 2.00 6.72
CA ASN D 242 -35.68 3.22 5.88
C ASN D 242 -35.98 4.39 6.81
N ILE D 243 -35.07 5.36 6.88
CA ILE D 243 -35.25 6.67 7.60
C ILE D 243 -35.50 7.73 6.53
N GLY D 244 -36.70 7.67 5.97
CA GLY D 244 -37.19 8.50 4.86
C GLY D 244 -38.17 9.57 5.35
N VAL D 245 -38.44 10.52 4.47
CA VAL D 245 -39.34 11.66 4.76
C VAL D 245 -39.98 12.01 3.42
N THR D 246 -41.13 12.67 3.45
CA THR D 246 -41.74 13.22 2.21
C THR D 246 -41.45 14.73 2.28
N ASN D 247 -40.36 15.13 1.62
CA ASN D 247 -39.91 16.53 1.56
C ASN D 247 -39.11 16.64 0.26
N GLU D 248 -39.81 16.53 -0.87
CA GLU D 248 -39.21 16.29 -2.20
C GLU D 248 -39.15 17.58 -3.02
N HIS D 249 -37.97 17.89 -3.55
CA HIS D 249 -37.65 19.17 -4.24
C HIS D 249 -36.65 18.89 -5.37
N SER D 250 -36.87 19.48 -6.53
CA SER D 250 -35.83 19.61 -7.58
C SER D 250 -34.78 20.61 -7.09
N VAL D 251 -33.64 20.62 -7.76
CA VAL D 251 -32.52 21.57 -7.56
C VAL D 251 -33.05 23.00 -7.69
N LEU D 252 -33.86 23.29 -8.72
CA LEU D 252 -34.44 24.63 -8.95
C LEU D 252 -35.42 24.96 -7.82
N ASP D 253 -36.20 23.99 -7.36
CA ASP D 253 -37.19 24.17 -6.28
C ASP D 253 -36.44 24.64 -5.03
N VAL D 254 -35.31 23.98 -4.71
CA VAL D 254 -34.47 24.32 -3.53
C VAL D 254 -33.91 25.72 -3.72
N ALA D 255 -33.38 26.02 -4.92
CA ALA D 255 -32.83 27.35 -5.28
C ALA D 255 -33.90 28.43 -5.08
N GLN D 256 -35.14 28.16 -5.47
CA GLN D 256 -36.29 29.10 -5.36
C GLN D 256 -36.57 29.41 -3.87
N ILE D 257 -36.61 28.36 -3.04
CA ILE D 257 -36.89 28.45 -1.57
C ILE D 257 -35.81 29.32 -0.93
N LEU D 258 -34.54 29.08 -1.24
CA LEU D 258 -33.42 29.83 -0.64
C LEU D 258 -33.43 31.29 -1.14
N CYS D 259 -33.78 31.53 -2.41
CA CYS D 259 -33.83 32.89 -3.01
C CYS D 259 -35.01 33.68 -2.41
N ASP D 260 -36.16 33.01 -2.23
CA ASP D 260 -37.34 33.58 -1.52
C ASP D 260 -36.96 33.93 -0.07
N ILE D 261 -36.13 33.13 0.60
CA ILE D 261 -35.69 33.47 2.00
C ILE D 261 -34.76 34.69 1.95
N ALA D 262 -33.86 34.76 0.97
CA ALA D 262 -32.85 35.84 0.83
C ALA D 262 -33.49 37.11 0.22
N GLY D 263 -34.72 37.02 -0.27
CA GLY D 263 -35.45 38.09 -1.01
C GLY D 263 -34.74 38.51 -2.29
N VAL D 264 -34.21 37.57 -3.07
CA VAL D 264 -33.55 37.84 -4.39
C VAL D 264 -34.29 37.06 -5.49
N ASN D 265 -34.30 37.59 -6.71
CA ASN D 265 -34.92 36.95 -7.90
C ASN D 265 -34.04 35.73 -8.25
N LEU D 266 -34.68 34.56 -8.46
CA LEU D 266 -33.99 33.27 -8.78
C LEU D 266 -33.25 33.39 -10.12
N GLU D 267 -33.98 33.69 -11.20
CA GLU D 267 -33.44 33.92 -12.58
C GLU D 267 -32.08 34.62 -12.52
N ASN D 268 -32.00 35.78 -11.86
CA ASN D 268 -30.79 36.63 -11.81
C ASN D 268 -29.62 35.95 -11.09
N GLN D 269 -29.85 34.90 -10.30
CA GLN D 269 -28.81 34.17 -9.52
C GLN D 269 -28.26 32.96 -10.31
N LEU D 270 -29.05 32.42 -11.25
CA LEU D 270 -28.77 31.13 -11.94
C LEU D 270 -27.57 31.25 -12.88
N GLU D 271 -26.64 30.30 -12.79
CA GLU D 271 -25.61 30.05 -13.84
C GLU D 271 -25.64 28.55 -14.19
N TYR D 272 -26.12 28.23 -15.40
CA TYR D 272 -26.28 26.84 -15.91
C TYR D 272 -24.91 26.30 -16.31
N VAL D 273 -24.55 25.14 -15.74
CA VAL D 273 -23.19 24.55 -15.72
C VAL D 273 -23.31 23.10 -16.15
N PRO D 274 -22.18 22.41 -16.50
CA PRO D 274 -22.20 21.01 -16.91
C PRO D 274 -22.84 20.02 -15.93
N ASP D 275 -23.64 19.10 -16.47
CA ASP D 275 -24.33 17.98 -15.77
C ASP D 275 -23.28 16.98 -15.27
N ARG D 276 -23.60 16.22 -14.22
CA ARG D 276 -22.79 15.04 -13.78
C ARG D 276 -22.87 13.98 -14.89
N LEU D 277 -21.84 13.14 -15.03
CA LEU D 277 -21.68 12.23 -16.20
C LEU D 277 -22.38 10.88 -15.96
N PHE D 278 -23.28 10.77 -14.99
CA PHE D 278 -23.84 9.45 -14.60
C PHE D 278 -25.33 9.54 -14.29
N ASN D 279 -25.96 8.38 -14.22
CA ASN D 279 -27.41 8.21 -13.97
C ASN D 279 -27.59 8.03 -12.46
N ASP D 280 -28.32 8.94 -11.80
CA ASP D 280 -28.51 8.94 -10.32
C ASP D 280 -29.95 9.31 -9.98
N PHE D 281 -30.87 8.36 -10.06
CA PHE D 281 -32.28 8.52 -9.62
C PHE D 281 -32.40 7.83 -8.26
N ARG D 282 -33.16 8.39 -7.34
CA ARG D 282 -33.41 7.80 -6.00
C ARG D 282 -34.83 7.20 -5.98
N TYR D 283 -35.03 6.08 -5.31
CA TYR D 283 -36.36 5.45 -5.11
C TYR D 283 -36.99 6.08 -3.87
N ASN D 284 -38.31 6.27 -3.87
CA ASN D 284 -39.03 6.74 -2.67
C ASN D 284 -38.95 5.58 -1.69
N ILE D 285 -38.41 5.85 -0.50
CA ILE D 285 -38.45 4.91 0.64
C ILE D 285 -39.57 5.38 1.57
N THR D 286 -40.36 4.48 2.14
CA THR D 286 -41.33 4.83 3.20
C THR D 286 -40.59 4.81 4.54
N ASN D 287 -41.28 5.23 5.59
CA ASN D 287 -40.73 5.25 6.97
C ASN D 287 -41.63 4.40 7.88
N ASP D 288 -42.40 3.46 7.33
CA ASP D 288 -43.41 2.67 8.10
C ASP D 288 -42.74 2.04 9.32
N LYS D 289 -41.67 1.27 9.06
CA LYS D 289 -41.01 0.39 10.05
C LYS D 289 -40.53 1.24 11.22
N ILE D 290 -39.95 2.40 10.94
CA ILE D 290 -39.29 3.25 11.97
C ILE D 290 -40.37 3.97 12.79
N LYS D 291 -41.48 4.37 12.18
CA LYS D 291 -42.61 4.99 12.95
C LYS D 291 -43.13 3.95 13.95
N SER D 292 -43.30 2.70 13.51
CA SER D 292 -43.68 1.54 14.38
C SER D 292 -42.76 1.44 15.61
N LEU D 293 -41.49 1.86 15.56
CA LEU D 293 -40.60 1.88 16.75
C LEU D 293 -40.90 3.07 17.66
N GLY D 294 -41.74 4.02 17.22
CA GLY D 294 -42.11 5.23 17.97
C GLY D 294 -41.32 6.45 17.52
N TRP D 295 -40.82 6.46 16.28
CA TRP D 295 -40.07 7.61 15.71
C TRP D 295 -41.05 8.63 15.13
N GLU D 296 -40.86 9.90 15.48
CA GLU D 296 -41.69 11.03 15.05
C GLU D 296 -40.76 12.12 14.53
N GLN D 297 -40.85 12.45 13.23
CA GLN D 297 -40.19 13.61 12.59
C GLN D 297 -40.46 14.86 13.43
N SER D 298 -39.46 15.42 14.12
CA SER D 298 -39.55 16.63 14.95
C SER D 298 -39.32 17.92 14.13
N ARG D 299 -38.71 17.85 12.93
CA ARG D 299 -38.32 19.04 12.13
C ARG D 299 -39.00 19.01 10.76
N LYS D 300 -40.28 19.39 10.69
CA LYS D 300 -41.14 19.22 9.49
C LYS D 300 -41.24 20.51 8.69
N ASP D 301 -40.92 21.65 9.29
CA ASP D 301 -41.00 22.97 8.62
C ASP D 301 -39.70 23.28 7.87
N PHE D 302 -39.62 22.91 6.60
CA PHE D 302 -38.38 22.97 5.77
C PHE D 302 -37.94 24.43 5.60
N LYS D 303 -38.88 25.33 5.28
CA LYS D 303 -38.54 26.78 5.11
C LYS D 303 -38.07 27.38 6.44
N LYS D 304 -38.72 27.11 7.56
CA LYS D 304 -38.25 27.65 8.87
C LYS D 304 -36.85 27.08 9.20
N GLU D 305 -36.63 25.80 8.98
CA GLU D 305 -35.28 25.20 9.24
C GLU D 305 -34.24 25.85 8.33
N LEU D 306 -34.58 26.10 7.07
CA LEU D 306 -33.65 26.75 6.12
C LEU D 306 -33.41 28.21 6.53
N VAL D 307 -34.44 28.94 6.97
CA VAL D 307 -34.27 30.31 7.55
C VAL D 307 -33.25 30.23 8.69
N GLU D 308 -33.36 29.24 9.59
CA GLU D 308 -32.41 29.07 10.71
C GLU D 308 -31.01 28.67 10.19
N LEU D 309 -30.92 27.81 9.17
CA LEU D 309 -29.60 27.43 8.58
C LEU D 309 -28.91 28.63 7.95
N PHE D 310 -29.65 29.50 7.28
CA PHE D 310 -29.09 30.77 6.74
C PHE D 310 -28.37 31.52 7.85
N ASP D 311 -29.00 31.66 9.02
CA ASP D 311 -28.42 32.42 10.16
C ASP D 311 -27.18 31.66 10.64
N TRP D 312 -27.24 30.33 10.70
CA TRP D 312 -26.12 29.52 11.25
C TRP D 312 -24.90 29.65 10.33
N TYR D 313 -25.09 29.61 8.99
CA TYR D 313 -24.02 29.77 7.97
C TYR D 313 -23.57 31.23 7.96
N LYS D 314 -24.44 32.18 8.29
CA LYS D 314 -24.01 33.59 8.47
C LYS D 314 -22.93 33.63 9.54
N VAL D 315 -23.23 33.12 10.73
CA VAL D 315 -22.34 33.19 11.91
C VAL D 315 -21.09 32.35 11.62
N ASN D 316 -21.22 31.18 11.00
CA ASN D 316 -20.21 30.09 11.15
C ASN D 316 -19.43 29.78 9.86
N ARG D 317 -19.73 30.35 8.68
CA ARG D 317 -18.99 29.97 7.44
C ARG D 317 -17.64 30.70 7.41
#